data_2MVS
# 
_entry.id   2MVS 
# 
_audit_conform.dict_name       mmcif_pdbx.dic 
_audit_conform.dict_version    5.392 
_audit_conform.dict_location   http://mmcif.pdb.org/dictionaries/ascii/mmcif_pdbx.dic 
# 
loop_
_database_2.database_code 
_database_2.database_id 
_database_2.pdbx_database_accession 
_database_2.pdbx_DOI 
RCSB104105   RCSB  ?            ?                   
2MVS         PDB   pdb_00002mvs 10.2210/pdb2mvs/pdb 
25220        BMRB  ?            10.13018/BMR25220   
D_1000104105 WWPDB ?            ?                   
# 
loop_
_pdbx_audit_revision_history.ordinal 
_pdbx_audit_revision_history.data_content_type 
_pdbx_audit_revision_history.major_revision 
_pdbx_audit_revision_history.minor_revision 
_pdbx_audit_revision_history.revision_date 
1 'Structure model' 1 0 2015-09-16 
2 'Structure model' 1 1 2015-09-30 
3 'Structure model' 2 0 2023-06-14 
4 'Structure model' 2 1 2024-05-15 
# 
_pdbx_audit_revision_details.ordinal             1 
_pdbx_audit_revision_details.revision_ordinal    1 
_pdbx_audit_revision_details.data_content_type   'Structure model' 
_pdbx_audit_revision_details.provider            repository 
_pdbx_audit_revision_details.type                'Initial release' 
_pdbx_audit_revision_details.description         ? 
_pdbx_audit_revision_details.details             ? 
# 
loop_
_pdbx_audit_revision_group.ordinal 
_pdbx_audit_revision_group.revision_ordinal 
_pdbx_audit_revision_group.data_content_type 
_pdbx_audit_revision_group.group 
1 2 'Structure model' Other                  
2 3 'Structure model' 'Data collection'      
3 3 'Structure model' 'Database references'  
4 3 'Structure model' 'Derived calculations' 
5 3 'Structure model' Other                  
6 3 'Structure model' 'Polymer sequence'     
7 4 'Structure model' 'Data collection'      
8 4 'Structure model' 'Database references'  
# 
loop_
_pdbx_audit_revision_category.ordinal 
_pdbx_audit_revision_category.revision_ordinal 
_pdbx_audit_revision_category.data_content_type 
_pdbx_audit_revision_category.category 
1 3 'Structure model' database_2           
2 3 'Structure model' entity_poly          
3 3 'Structure model' pdbx_database_status 
4 3 'Structure model' pdbx_nmr_software    
5 3 'Structure model' struct_conn          
6 4 'Structure model' chem_comp_atom       
7 4 'Structure model' chem_comp_bond       
8 4 'Structure model' database_2           
# 
loop_
_pdbx_audit_revision_item.ordinal 
_pdbx_audit_revision_item.revision_ordinal 
_pdbx_audit_revision_item.data_content_type 
_pdbx_audit_revision_item.item 
1 3 'Structure model' '_database_2.pdbx_DOI'                       
2 3 'Structure model' '_database_2.pdbx_database_accession'        
3 3 'Structure model' '_entity_poly.pdbx_seq_one_letter_code_can'  
4 3 'Structure model' '_pdbx_database_status.status_code_nmr_data' 
5 3 'Structure model' '_pdbx_nmr_software.name'                    
6 3 'Structure model' '_struct_conn.pdbx_leaving_atom_flag'        
7 4 'Structure model' '_database_2.pdbx_DOI'                       
# 
_pdbx_database_status.deposit_site                    BMRB 
_pdbx_database_status.entry_id                        2MVS 
_pdbx_database_status.process_site                    RCSB 
_pdbx_database_status.recvd_initial_deposition_date   2014-10-10 
_pdbx_database_status.SG_entry                        ? 
_pdbx_database_status.status_code                     REL 
_pdbx_database_status.status_code_mr                  REL 
_pdbx_database_status.status_code_sf                  ? 
_pdbx_database_status.status_code_cs                  REL 
_pdbx_database_status.methods_development_category    ? 
_pdbx_database_status.pdb_format_compatible           Y 
_pdbx_database_status.status_code_nmr_data            REL 
# 
loop_
_pdbx_database_related.db_id 
_pdbx_database_related.db_name 
_pdbx_database_related.content_type 
_pdbx_database_related.details 
25220 BMRB unspecified . 
4RLP  PDB  unspecified . 
2MVY  PDB  unspecified . 
# 
loop_
_audit_author.name 
_audit_author.pdbx_ordinal 
'Lynch, S.R.' 1 
'Kool, E.'    2 
# 
_citation.id                        primary 
_citation.title                     'Structure and thermodynamics of N6-methyladenosine in RNA: a spring-loaded base modification.' 
_citation.journal_abbrev            J.Am.Chem.Soc. 
_citation.journal_volume            137 
_citation.page_first                2107 
_citation.page_last                 2115 
_citation.year                      2015 
_citation.journal_id_ASTM           JACSAT 
_citation.country                   US 
_citation.journal_id_ISSN           0002-7863 
_citation.journal_id_CSD            0004 
_citation.book_publisher            ? 
_citation.pdbx_database_id_PubMed   25611135 
_citation.pdbx_database_id_DOI      10.1021/ja513080v 
# 
loop_
_citation_author.citation_id 
_citation_author.name 
_citation_author.ordinal 
_citation_author.identifier_ORCID 
primary 'Roost, C.'     1 ? 
primary 'Lynch, S.R.'   2 ? 
primary 'Batista, P.J.' 3 ? 
primary 'Qu, K.'        4 ? 
primary 'Chang, H.Y.'   5 ? 
primary 'Kool, E.T.'    6 ? 
# 
_entity.id                         1 
_entity.type                       polymer 
_entity.src_method                 syn 
_entity.pdbx_description           N-6_Methyl_Adenosine_RNA 
_entity.formula_weight             3190.976 
_entity.pdbx_number_of_molecules   2 
_entity.pdbx_ec                    ? 
_entity.pdbx_mutation              'N6 Methyl Adenosine 3' 
_entity.pdbx_fragment              ? 
_entity.details                    ? 
# 
_entity_poly.entity_id                      1 
_entity_poly.type                           polyribonucleotide 
_entity_poly.nstd_linkage                   no 
_entity_poly.nstd_monomer                   yes 
_entity_poly.pdbx_seq_one_letter_code       'GG(6MZ)CUAGUCC' 
_entity_poly.pdbx_seq_one_letter_code_can   GGACUAGUCC 
_entity_poly.pdbx_strand_id                 1,2 
_entity_poly.pdbx_target_identifier         ? 
# 
loop_
_entity_poly_seq.entity_id 
_entity_poly_seq.num 
_entity_poly_seq.mon_id 
_entity_poly_seq.hetero 
1 1  G   n 
1 2  G   n 
1 3  6MZ n 
1 4  C   n 
1 5  U   n 
1 6  A   n 
1 7  G   n 
1 8  U   n 
1 9  C   n 
1 10 C   n 
# 
_pdbx_entity_src_syn.entity_id              1 
_pdbx_entity_src_syn.pdbx_src_id            1 
_pdbx_entity_src_syn.pdbx_alt_source_flag   sample 
_pdbx_entity_src_syn.pdbx_beg_seq_num       ? 
_pdbx_entity_src_syn.pdbx_end_seq_num       ? 
_pdbx_entity_src_syn.organism_scientific    'synthetic construct' 
_pdbx_entity_src_syn.organism_common_name   ? 
_pdbx_entity_src_syn.ncbi_taxonomy_id       32630 
_pdbx_entity_src_syn.details                ? 
# 
loop_
_chem_comp.id 
_chem_comp.type 
_chem_comp.mon_nstd_flag 
_chem_comp.name 
_chem_comp.pdbx_synonyms 
_chem_comp.formula 
_chem_comp.formula_weight 
6MZ 'RNA linking' n "N6-METHYLADENOSINE-5'-MONOPHOSPHATE" ? 'C11 H16 N5 O7 P' 361.248 
A   'RNA linking' y "ADENOSINE-5'-MONOPHOSPHATE"          ? 'C10 H14 N5 O7 P' 347.221 
C   'RNA linking' y "CYTIDINE-5'-MONOPHOSPHATE"           ? 'C9 H14 N3 O8 P'  323.197 
G   'RNA linking' y "GUANOSINE-5'-MONOPHOSPHATE"          ? 'C10 H14 N5 O8 P' 363.221 
U   'RNA linking' y "URIDINE-5'-MONOPHOSPHATE"            ? 'C9 H13 N2 O9 P'  324.181 
# 
loop_
_pdbx_poly_seq_scheme.asym_id 
_pdbx_poly_seq_scheme.entity_id 
_pdbx_poly_seq_scheme.seq_id 
_pdbx_poly_seq_scheme.mon_id 
_pdbx_poly_seq_scheme.ndb_seq_num 
_pdbx_poly_seq_scheme.pdb_seq_num 
_pdbx_poly_seq_scheme.auth_seq_num 
_pdbx_poly_seq_scheme.pdb_mon_id 
_pdbx_poly_seq_scheme.auth_mon_id 
_pdbx_poly_seq_scheme.pdb_strand_id 
_pdbx_poly_seq_scheme.pdb_ins_code 
_pdbx_poly_seq_scheme.hetero 
A 1 1  G   1  1  1  G   G   1 . n 
A 1 2  G   2  2  2  G   G   1 . n 
A 1 3  6MZ 3  3  3  6MZ 6MD 1 . n 
A 1 4  C   4  4  4  C   C   1 . n 
A 1 5  U   5  5  5  U   U   1 . n 
A 1 6  A   6  6  6  A   A   1 . n 
A 1 7  G   7  7  7  G   G   1 . n 
A 1 8  U   8  8  8  U   U   1 . n 
A 1 9  C   9  9  9  C   C   1 . n 
A 1 10 C   10 10 10 C   C   1 . n 
B 1 1  G   1  11 11 G   G   2 . n 
B 1 2  G   2  12 12 G   G   2 . n 
B 1 3  6MZ 3  13 13 6MZ 6MD 2 . n 
B 1 4  C   4  14 14 C   C   2 . n 
B 1 5  U   5  15 15 U   U   2 . n 
B 1 6  A   6  16 16 A   A   2 . n 
B 1 7  G   7  17 17 G   G   2 . n 
B 1 8  U   8  18 18 U   U   2 . n 
B 1 9  C   9  19 19 C   C   2 . n 
B 1 10 C   10 20 20 C   C   2 . n 
# 
_exptl.absorpt_coefficient_mu     ? 
_exptl.absorpt_correction_T_max   ? 
_exptl.absorpt_correction_T_min   ? 
_exptl.absorpt_correction_type    ? 
_exptl.absorpt_process_details    ? 
_exptl.crystals_number            ? 
_exptl.details                    ? 
_exptl.entry_id                   2MVS 
_exptl.method                     'SOLUTION NMR' 
_exptl.method_details             ? 
# 
_struct.entry_id                  2MVS 
_struct.title                     'N6-Methyladenosine RNA' 
_struct.pdbx_model_details        'minimized average structure, model1' 
_struct.pdbx_CASP_flag            ? 
_struct.pdbx_model_type_details   'minimized average' 
# 
_struct_keywords.entry_id        2MVS 
_struct_keywords.pdbx_keywords   RNA 
_struct_keywords.text            'N6-Methyl Adenosine, RNA' 
# 
loop_
_struct_asym.id 
_struct_asym.pdbx_blank_PDB_chainid_flag 
_struct_asym.pdbx_modified 
_struct_asym.entity_id 
_struct_asym.details 
A N N 1 ? 
B N N 1 ? 
# 
_struct_ref.id                         1 
_struct_ref.db_name                    PDB 
_struct_ref.db_code                    2MVS 
_struct_ref.pdbx_db_accession          2MVS 
_struct_ref.entity_id                  1 
_struct_ref.pdbx_align_begin           ? 
_struct_ref.pdbx_seq_one_letter_code   ? 
_struct_ref.pdbx_db_isoform            ? 
# 
loop_
_struct_ref_seq.align_id 
_struct_ref_seq.ref_id 
_struct_ref_seq.pdbx_PDB_id_code 
_struct_ref_seq.pdbx_strand_id 
_struct_ref_seq.seq_align_beg 
_struct_ref_seq.pdbx_seq_align_beg_ins_code 
_struct_ref_seq.seq_align_end 
_struct_ref_seq.pdbx_seq_align_end_ins_code 
_struct_ref_seq.pdbx_db_accession 
_struct_ref_seq.db_align_beg 
_struct_ref_seq.pdbx_db_align_beg_ins_code 
_struct_ref_seq.db_align_end 
_struct_ref_seq.pdbx_db_align_end_ins_code 
_struct_ref_seq.pdbx_auth_seq_align_beg 
_struct_ref_seq.pdbx_auth_seq_align_end 
1 1 2MVS 1 1 ? 10 ? 2MVS 1  ? 10 ? 1  10 
2 1 2MVS 2 1 ? 10 ? 2MVS 11 ? 20 ? 11 20 
# 
_pdbx_struct_assembly.id                   1 
_pdbx_struct_assembly.details              author_defined_assembly 
_pdbx_struct_assembly.method_details       ? 
_pdbx_struct_assembly.oligomeric_details   dimeric 
_pdbx_struct_assembly.oligomeric_count     2 
# 
_pdbx_struct_assembly_gen.assembly_id       1 
_pdbx_struct_assembly_gen.oper_expression   1 
_pdbx_struct_assembly_gen.asym_id_list      A,B 
# 
_pdbx_struct_oper_list.id                   1 
_pdbx_struct_oper_list.type                 'identity operation' 
_pdbx_struct_oper_list.name                 1_555 
_pdbx_struct_oper_list.symmetry_operation   x,y,z 
_pdbx_struct_oper_list.matrix[1][1]         1.0000000000 
_pdbx_struct_oper_list.matrix[1][2]         0.0000000000 
_pdbx_struct_oper_list.matrix[1][3]         0.0000000000 
_pdbx_struct_oper_list.vector[1]            0.0000000000 
_pdbx_struct_oper_list.matrix[2][1]         0.0000000000 
_pdbx_struct_oper_list.matrix[2][2]         1.0000000000 
_pdbx_struct_oper_list.matrix[2][3]         0.0000000000 
_pdbx_struct_oper_list.vector[2]            0.0000000000 
_pdbx_struct_oper_list.matrix[3][1]         0.0000000000 
_pdbx_struct_oper_list.matrix[3][2]         0.0000000000 
_pdbx_struct_oper_list.matrix[3][3]         1.0000000000 
_pdbx_struct_oper_list.vector[3]            0.0000000000 
# 
_struct_biol.id        1 
_struct_biol.details   ? 
# 
loop_
_struct_conn.id 
_struct_conn.conn_type_id 
_struct_conn.pdbx_leaving_atom_flag 
_struct_conn.pdbx_PDB_id 
_struct_conn.ptnr1_label_asym_id 
_struct_conn.ptnr1_label_comp_id 
_struct_conn.ptnr1_label_seq_id 
_struct_conn.ptnr1_label_atom_id 
_struct_conn.pdbx_ptnr1_label_alt_id 
_struct_conn.pdbx_ptnr1_PDB_ins_code 
_struct_conn.pdbx_ptnr1_standard_comp_id 
_struct_conn.ptnr1_symmetry 
_struct_conn.ptnr2_label_asym_id 
_struct_conn.ptnr2_label_comp_id 
_struct_conn.ptnr2_label_seq_id 
_struct_conn.ptnr2_label_atom_id 
_struct_conn.pdbx_ptnr2_label_alt_id 
_struct_conn.pdbx_ptnr2_PDB_ins_code 
_struct_conn.ptnr1_auth_asym_id 
_struct_conn.ptnr1_auth_comp_id 
_struct_conn.ptnr1_auth_seq_id 
_struct_conn.ptnr2_auth_asym_id 
_struct_conn.ptnr2_auth_comp_id 
_struct_conn.ptnr2_auth_seq_id 
_struct_conn.ptnr2_symmetry 
_struct_conn.pdbx_ptnr3_label_atom_id 
_struct_conn.pdbx_ptnr3_label_seq_id 
_struct_conn.pdbx_ptnr3_label_comp_id 
_struct_conn.pdbx_ptnr3_label_asym_id 
_struct_conn.pdbx_ptnr3_label_alt_id 
_struct_conn.pdbx_ptnr3_PDB_ins_code 
_struct_conn.details 
_struct_conn.pdbx_dist_value 
_struct_conn.pdbx_value_order 
_struct_conn.pdbx_role 
covale1  covale both ? A G   2  "O3'" ? ? ? 1_555 A 6MZ 3  P  ? ? 1 G   2  1 6MZ 3  1_555 ? ? ? ? ? ? ?            1.610 ? ? 
covale2  covale both ? A 6MZ 3  "O3'" ? ? ? 1_555 A C   4  P  ? ? 1 6MZ 3  1 C   4  1_555 ? ? ? ? ? ? ?            1.610 ? ? 
covale3  covale both ? B G   2  "O3'" ? ? ? 1_555 B 6MZ 3  P  ? ? 2 G   12 2 6MZ 13 1_555 ? ? ? ? ? ? ?            1.610 ? ? 
covale4  covale both ? B 6MZ 3  "O3'" ? ? ? 1_555 B C   4  P  ? ? 2 6MZ 13 2 C   14 1_555 ? ? ? ? ? ? ?            1.610 ? ? 
hydrog1  hydrog ?    ? A G   1  N1    ? ? ? 1_555 B C   10 N3 ? ? 1 G   1  2 C   20 1_555 ? ? ? ? ? ? WATSON-CRICK ?     ? ? 
hydrog2  hydrog ?    ? A G   1  N2    ? ? ? 1_555 B C   10 O2 ? ? 1 G   1  2 C   20 1_555 ? ? ? ? ? ? WATSON-CRICK ?     ? ? 
hydrog3  hydrog ?    ? A G   1  O6    ? ? ? 1_555 B C   10 N4 ? ? 1 G   1  2 C   20 1_555 ? ? ? ? ? ? WATSON-CRICK ?     ? ? 
hydrog4  hydrog ?    ? A G   2  N1    ? ? ? 1_555 B C   9  N3 ? ? 1 G   2  2 C   19 1_555 ? ? ? ? ? ? WATSON-CRICK ?     ? ? 
hydrog5  hydrog ?    ? A G   2  N2    ? ? ? 1_555 B C   9  O2 ? ? 1 G   2  2 C   19 1_555 ? ? ? ? ? ? WATSON-CRICK ?     ? ? 
hydrog6  hydrog ?    ? A G   2  O6    ? ? ? 1_555 B C   9  N4 ? ? 1 G   2  2 C   19 1_555 ? ? ? ? ? ? WATSON-CRICK ?     ? ? 
hydrog7  hydrog ?    ? A C   4  N3    ? ? ? 1_555 B G   7  N1 ? ? 1 C   4  2 G   17 1_555 ? ? ? ? ? ? WATSON-CRICK ?     ? ? 
hydrog8  hydrog ?    ? A C   4  N4    ? ? ? 1_555 B G   7  O6 ? ? 1 C   4  2 G   17 1_555 ? ? ? ? ? ? WATSON-CRICK ?     ? ? 
hydrog9  hydrog ?    ? A C   4  O2    ? ? ? 1_555 B G   7  N2 ? ? 1 C   4  2 G   17 1_555 ? ? ? ? ? ? WATSON-CRICK ?     ? ? 
hydrog10 hydrog ?    ? A U   5  N3    ? ? ? 1_555 B A   6  N1 ? ? 1 U   5  2 A   16 1_555 ? ? ? ? ? ? WATSON-CRICK ?     ? ? 
hydrog11 hydrog ?    ? A U   5  O4    ? ? ? 1_555 B A   6  N6 ? ? 1 U   5  2 A   16 1_555 ? ? ? ? ? ? WATSON-CRICK ?     ? ? 
hydrog12 hydrog ?    ? A A   6  N1    ? ? ? 1_555 B U   5  N3 ? ? 1 A   6  2 U   15 1_555 ? ? ? ? ? ? WATSON-CRICK ?     ? ? 
hydrog13 hydrog ?    ? A A   6  N6    ? ? ? 1_555 B U   5  O4 ? ? 1 A   6  2 U   15 1_555 ? ? ? ? ? ? WATSON-CRICK ?     ? ? 
hydrog14 hydrog ?    ? A G   7  N1    ? ? ? 1_555 B C   4  N3 ? ? 1 G   7  2 C   14 1_555 ? ? ? ? ? ? WATSON-CRICK ?     ? ? 
hydrog15 hydrog ?    ? A G   7  N2    ? ? ? 1_555 B C   4  O2 ? ? 1 G   7  2 C   14 1_555 ? ? ? ? ? ? WATSON-CRICK ?     ? ? 
hydrog16 hydrog ?    ? A G   7  O6    ? ? ? 1_555 B C   4  N4 ? ? 1 G   7  2 C   14 1_555 ? ? ? ? ? ? WATSON-CRICK ?     ? ? 
hydrog17 hydrog ?    ? A C   9  N3    ? ? ? 1_555 B G   2  N1 ? ? 1 C   9  2 G   12 1_555 ? ? ? ? ? ? WATSON-CRICK ?     ? ? 
hydrog18 hydrog ?    ? A C   9  N4    ? ? ? 1_555 B G   2  O6 ? ? 1 C   9  2 G   12 1_555 ? ? ? ? ? ? WATSON-CRICK ?     ? ? 
hydrog19 hydrog ?    ? A C   9  O2    ? ? ? 1_555 B G   2  N2 ? ? 1 C   9  2 G   12 1_555 ? ? ? ? ? ? WATSON-CRICK ?     ? ? 
hydrog20 hydrog ?    ? A C   10 N3    ? ? ? 1_555 B G   1  N1 ? ? 1 C   10 2 G   11 1_555 ? ? ? ? ? ? WATSON-CRICK ?     ? ? 
hydrog21 hydrog ?    ? A C   10 N4    ? ? ? 1_555 B G   1  O6 ? ? 1 C   10 2 G   11 1_555 ? ? ? ? ? ? WATSON-CRICK ?     ? ? 
hydrog22 hydrog ?    ? A C   10 O2    ? ? ? 1_555 B G   1  N2 ? ? 1 C   10 2 G   11 1_555 ? ? ? ? ? ? WATSON-CRICK ?     ? ? 
# 
loop_
_struct_conn_type.id 
_struct_conn_type.criteria 
_struct_conn_type.reference 
covale ? ? 
hydrog ? ? 
# 
loop_
_pdbx_validate_close_contact.id 
_pdbx_validate_close_contact.PDB_model_num 
_pdbx_validate_close_contact.auth_atom_id_1 
_pdbx_validate_close_contact.auth_asym_id_1 
_pdbx_validate_close_contact.auth_comp_id_1 
_pdbx_validate_close_contact.auth_seq_id_1 
_pdbx_validate_close_contact.PDB_ins_code_1 
_pdbx_validate_close_contact.label_alt_id_1 
_pdbx_validate_close_contact.auth_atom_id_2 
_pdbx_validate_close_contact.auth_asym_id_2 
_pdbx_validate_close_contact.auth_comp_id_2 
_pdbx_validate_close_contact.auth_seq_id_2 
_pdbx_validate_close_contact.PDB_ins_code_2 
_pdbx_validate_close_contact.label_alt_id_2 
_pdbx_validate_close_contact.dist 
1 1 "O2'" 1 U 5 ? ? "H5'" 1 A 6 ? ? 1.52 
2 1 "O2'" 1 G 7 ? ? "H5'" 1 U 8 ? ? 1.57 
# 
loop_
_pdbx_struct_mod_residue.id 
_pdbx_struct_mod_residue.label_asym_id 
_pdbx_struct_mod_residue.label_comp_id 
_pdbx_struct_mod_residue.label_seq_id 
_pdbx_struct_mod_residue.auth_asym_id 
_pdbx_struct_mod_residue.auth_comp_id 
_pdbx_struct_mod_residue.auth_seq_id 
_pdbx_struct_mod_residue.PDB_ins_code 
_pdbx_struct_mod_residue.parent_comp_id 
_pdbx_struct_mod_residue.details 
1 A 6MZ 3 1 6MZ 3  ? A "N6-METHYLADENOSINE-5'-MONOPHOSPHATE" 
2 B 6MZ 3 2 6MZ 13 ? A "N6-METHYLADENOSINE-5'-MONOPHOSPHATE" 
# 
_pdbx_nmr_ensemble.average_constraint_violations_per_residue     ? 
_pdbx_nmr_ensemble.average_constraints_per_residue               ? 
_pdbx_nmr_ensemble.average_distance_constraint_violation         ? 
_pdbx_nmr_ensemble.average_torsion_angle_constraint_violation    ? 
_pdbx_nmr_ensemble.conformer_selection_criteria                  'target function' 
_pdbx_nmr_ensemble.conformers_calculated_total_number            30 
_pdbx_nmr_ensemble.conformers_submitted_total_number             1 
_pdbx_nmr_ensemble.distance_constraint_violation_method          ? 
_pdbx_nmr_ensemble.entry_id                                      2MVS 
_pdbx_nmr_ensemble.maximum_distance_constraint_violation         ? 
_pdbx_nmr_ensemble.maximum_lower_distance_constraint_violation   ? 
_pdbx_nmr_ensemble.maximum_torsion_angle_constraint_violation    ? 
_pdbx_nmr_ensemble.maximum_upper_distance_constraint_violation   ? 
_pdbx_nmr_ensemble.torsion_angle_constraint_violation_method     ? 
# 
_pdbx_nmr_representative.conformer_id         1 
_pdbx_nmr_representative.entry_id             2MVS 
_pdbx_nmr_representative.selection_criteria   'minimized average structure' 
# 
loop_
_pdbx_nmr_sample_details.contents 
_pdbx_nmr_sample_details.solution_id 
_pdbx_nmr_sample_details.solvent_system 
'0.2 mM N-6 Methyl Adenosine RNA, 100 mM sodium chloride, 0.1 mM EDTADE, 10 mM sodium phosphate, 90% H2O/10% D2O' 1 
'90% H2O/10% D2O' 
'0.2 mM N-6 Methyl Adenosine RNA, 100 mM sodium chloride, 0.1 mM EDTADE, 10 mM sodium phosphate, 100% D2O'        2 '100% D2O' 
# 
loop_
_pdbx_nmr_exptl_sample.component 
_pdbx_nmr_exptl_sample.concentration 
_pdbx_nmr_exptl_sample.concentration_range 
_pdbx_nmr_exptl_sample.concentration_units 
_pdbx_nmr_exptl_sample.isotopic_labeling 
_pdbx_nmr_exptl_sample.solution_id 
'N-6 Methyl Adenosine RNA-1' 0.2 ? mM ? 1 
'sodium chloride-2'          100 ? mM ? 1 
EDTADE-3                     0.1 ? mM ? 1 
'sodium phosphate-4'         10  ? mM ? 1 
'N-6 Methyl Adenosine RNA-5' 0.2 ? mM ? 2 
'sodium chloride-6'          100 ? mM ? 2 
EDTADE-7                     0.1 ? mM ? 2 
'sodium phosphate-8'         10  ? mM ? 2 
# 
_pdbx_nmr_exptl_sample_conditions.conditions_id       1 
_pdbx_nmr_exptl_sample_conditions.ionic_strength      100 
_pdbx_nmr_exptl_sample_conditions.pH                  6.4 
_pdbx_nmr_exptl_sample_conditions.pressure            1 
_pdbx_nmr_exptl_sample_conditions.pressure_units      atm 
_pdbx_nmr_exptl_sample_conditions.temperature         298 
_pdbx_nmr_exptl_sample_conditions.temperature_units   K 
# 
loop_
_pdbx_nmr_exptl.conditions_id 
_pdbx_nmr_exptl.experiment_id 
_pdbx_nmr_exptl.solution_id 
_pdbx_nmr_exptl.type 
1 1 2 '2D 1H-1H NOESY' 
1 2 2 '2D DQF-COSY'    
1 3 2 '2D 1H-13C HSQC' 
1 4 2 '2D 1H-1H COSY'  
1 5 2 '2D 1H-1H TOCSY' 
1 6 1 '2D 1H-1H NOESY' 
1 7 2 '2D 1H-31P COSY' 
# 
_pdbx_nmr_constraints.disulfide_bond_constraints_total_count        ? 
_pdbx_nmr_constraints.entry_id                                      2MVS 
_pdbx_nmr_constraints.hydrogen_bond_constraints_total_count         40 
_pdbx_nmr_constraints.NA_alpha-angle_constraints_total_count        0 
_pdbx_nmr_constraints.NA_beta-angle_constraints_total_count         18 
_pdbx_nmr_constraints.NA_chi-angle_constraints_total_count          20 
_pdbx_nmr_constraints.NA_delta-angle_constraints_total_count        ? 
_pdbx_nmr_constraints.NA_epsilon-angle_constraints_total_count      18 
_pdbx_nmr_constraints.NA_gamma-angle_constraints_total_count        20 
_pdbx_nmr_constraints.NA_other-angle_constraints_total_count        20 
_pdbx_nmr_constraints.NA_sugar_pucker_constraints_total_count       80 
_pdbx_nmr_constraints.NOE_constraints_total                         352 
_pdbx_nmr_constraints.NOE_interentity_total_count                   ? 
_pdbx_nmr_constraints.NOE_interproton_distance_evaluation           ? 
_pdbx_nmr_constraints.NOE_intraresidue_total_count                  184 
_pdbx_nmr_constraints.NOE_long_range_total_count                    22 
_pdbx_nmr_constraints.NOE_medium_range_total_count                  0 
_pdbx_nmr_constraints.NOE_motional_averaging_correction             ? 
_pdbx_nmr_constraints.NOE_pseudoatom_corrections                    ? 
_pdbx_nmr_constraints.NOE_sequential_total_count                    146 
_pdbx_nmr_constraints.protein_chi_angle_constraints_total_count     ? 
_pdbx_nmr_constraints.protein_other_angle_constraints_total_count   ? 
_pdbx_nmr_constraints.protein_phi_angle_constraints_total_count     ? 
_pdbx_nmr_constraints.protein_psi_angle_constraints_total_count     ? 
# 
_pdbx_nmr_refine.entry_id           2MVS 
_pdbx_nmr_refine.method             'simulated annealing, molecular dynamics' 
_pdbx_nmr_refine.details            ? 
_pdbx_nmr_refine.software_ordinal   1 
# 
loop_
_pdbx_nmr_software.authors 
_pdbx_nmr_software.classification 
_pdbx_nmr_software.name 
_pdbx_nmr_software.version 
_pdbx_nmr_software.ordinal 
Varian  collection                  VNMR         6.1C  1 
Varian  processing                  VNMR         6.1C  2 
Goddard 'chemical shift assignment' Sparky       3.115 3 
Goddard 'data analysis'             Sparky       3.115 4 
Brunger 'structure solution'        'X-PLOR NIH' 2.36  5 
?       refinement                  'X-PLOR NIH' ?     6 
# 
loop_
_chem_comp_atom.comp_id 
_chem_comp_atom.atom_id 
_chem_comp_atom.type_symbol 
_chem_comp_atom.pdbx_aromatic_flag 
_chem_comp_atom.pdbx_stereo_config 
_chem_comp_atom.pdbx_ordinal 
6MZ C2     C Y N 1   
6MZ C4     C Y N 2   
6MZ C5     C Y N 3   
6MZ O1P    O N N 4   
6MZ O2P    O N N 5   
6MZ N9     N Y N 6   
6MZ N3     N Y N 7   
6MZ N1     N Y N 8   
6MZ C6     C Y N 9   
6MZ N6     N N N 10  
6MZ C9     C N N 11  
6MZ N7     N Y N 12  
6MZ C8     C Y N 13  
6MZ "O5'"  O N N 14  
6MZ "C5'"  C N N 15  
6MZ "C4'"  C N R 16  
6MZ "O4'"  O N N 17  
6MZ "C1'"  C N R 18  
6MZ "C2'"  C N R 19  
6MZ "O2'"  O N N 20  
6MZ "C3'"  C N S 21  
6MZ "O3'"  O N N 22  
6MZ P      P N N 23  
6MZ O3P    O N N 24  
6MZ H2     H N N 25  
6MZ H1P    H N N 26  
6MZ H8     H N N 27  
6MZ "H1'"  H N N 28  
6MZ H9C1   H N N 29  
6MZ H9C2   H N N 30  
6MZ "H5'1" H N N 31  
6MZ "H5'2" H N N 32  
6MZ "H4'"  H N N 33  
6MZ "H3'"  H N N 34  
6MZ "H2'"  H N N 35  
6MZ HA     H N N 36  
6MZ HB     H N N 37  
6MZ H3P    H N N 38  
6MZ H6     H N N 39  
6MZ H9     H N N 40  
A   OP3    O N N 41  
A   P      P N N 42  
A   OP1    O N N 43  
A   OP2    O N N 44  
A   "O5'"  O N N 45  
A   "C5'"  C N N 46  
A   "C4'"  C N R 47  
A   "O4'"  O N N 48  
A   "C3'"  C N S 49  
A   "O3'"  O N N 50  
A   "C2'"  C N R 51  
A   "O2'"  O N N 52  
A   "C1'"  C N R 53  
A   N9     N Y N 54  
A   C8     C Y N 55  
A   N7     N Y N 56  
A   C5     C Y N 57  
A   C6     C Y N 58  
A   N6     N N N 59  
A   N1     N Y N 60  
A   C2     C Y N 61  
A   N3     N Y N 62  
A   C4     C Y N 63  
A   HOP3   H N N 64  
A   HOP2   H N N 65  
A   "H5'"  H N N 66  
A   "H5''" H N N 67  
A   "H4'"  H N N 68  
A   "H3'"  H N N 69  
A   "HO3'" H N N 70  
A   "H2'"  H N N 71  
A   "HO2'" H N N 72  
A   "H1'"  H N N 73  
A   H8     H N N 74  
A   H61    H N N 75  
A   H62    H N N 76  
A   H2     H N N 77  
C   OP3    O N N 78  
C   P      P N N 79  
C   OP1    O N N 80  
C   OP2    O N N 81  
C   "O5'"  O N N 82  
C   "C5'"  C N N 83  
C   "C4'"  C N R 84  
C   "O4'"  O N N 85  
C   "C3'"  C N S 86  
C   "O3'"  O N N 87  
C   "C2'"  C N R 88  
C   "O2'"  O N N 89  
C   "C1'"  C N R 90  
C   N1     N N N 91  
C   C2     C N N 92  
C   O2     O N N 93  
C   N3     N N N 94  
C   C4     C N N 95  
C   N4     N N N 96  
C   C5     C N N 97  
C   C6     C N N 98  
C   HOP3   H N N 99  
C   HOP2   H N N 100 
C   "H5'"  H N N 101 
C   "H5''" H N N 102 
C   "H4'"  H N N 103 
C   "H3'"  H N N 104 
C   "HO3'" H N N 105 
C   "H2'"  H N N 106 
C   "HO2'" H N N 107 
C   "H1'"  H N N 108 
C   H41    H N N 109 
C   H42    H N N 110 
C   H5     H N N 111 
C   H6     H N N 112 
G   OP3    O N N 113 
G   P      P N N 114 
G   OP1    O N N 115 
G   OP2    O N N 116 
G   "O5'"  O N N 117 
G   "C5'"  C N N 118 
G   "C4'"  C N R 119 
G   "O4'"  O N N 120 
G   "C3'"  C N S 121 
G   "O3'"  O N N 122 
G   "C2'"  C N R 123 
G   "O2'"  O N N 124 
G   "C1'"  C N R 125 
G   N9     N Y N 126 
G   C8     C Y N 127 
G   N7     N Y N 128 
G   C5     C Y N 129 
G   C6     C N N 130 
G   O6     O N N 131 
G   N1     N N N 132 
G   C2     C N N 133 
G   N2     N N N 134 
G   N3     N N N 135 
G   C4     C Y N 136 
G   HOP3   H N N 137 
G   HOP2   H N N 138 
G   "H5'"  H N N 139 
G   "H5''" H N N 140 
G   "H4'"  H N N 141 
G   "H3'"  H N N 142 
G   "HO3'" H N N 143 
G   "H2'"  H N N 144 
G   "HO2'" H N N 145 
G   "H1'"  H N N 146 
G   H8     H N N 147 
G   H1     H N N 148 
G   H21    H N N 149 
G   H22    H N N 150 
U   OP3    O N N 151 
U   P      P N N 152 
U   OP1    O N N 153 
U   OP2    O N N 154 
U   "O5'"  O N N 155 
U   "C5'"  C N N 156 
U   "C4'"  C N R 157 
U   "O4'"  O N N 158 
U   "C3'"  C N S 159 
U   "O3'"  O N N 160 
U   "C2'"  C N R 161 
U   "O2'"  O N N 162 
U   "C1'"  C N R 163 
U   N1     N N N 164 
U   C2     C N N 165 
U   O2     O N N 166 
U   N3     N N N 167 
U   C4     C N N 168 
U   O4     O N N 169 
U   C5     C N N 170 
U   C6     C N N 171 
U   HOP3   H N N 172 
U   HOP2   H N N 173 
U   "H5'"  H N N 174 
U   "H5''" H N N 175 
U   "H4'"  H N N 176 
U   "H3'"  H N N 177 
U   "HO3'" H N N 178 
U   "H2'"  H N N 179 
U   "HO2'" H N N 180 
U   "H1'"  H N N 181 
U   H3     H N N 182 
U   H5     H N N 183 
U   H6     H N N 184 
# 
loop_
_chem_comp_bond.comp_id 
_chem_comp_bond.atom_id_1 
_chem_comp_bond.atom_id_2 
_chem_comp_bond.value_order 
_chem_comp_bond.pdbx_aromatic_flag 
_chem_comp_bond.pdbx_stereo_config 
_chem_comp_bond.pdbx_ordinal 
6MZ C4    C5     sing Y N 1   
6MZ C4    N9     sing Y N 2   
6MZ C2    N3     sing Y N 3   
6MZ C4    N3     doub Y N 4   
6MZ C2    N1     doub Y N 5   
6MZ C5    C6     doub Y N 6   
6MZ N1    C6     sing Y N 7   
6MZ C6    N6     sing N N 8   
6MZ N6    C9     sing N N 9   
6MZ C5    N7     sing Y N 10  
6MZ N9    C8     sing Y N 11  
6MZ N7    C8     doub Y N 12  
6MZ "O5'" "C5'"  sing N N 13  
6MZ "C1'" "H1'"  sing N N 14  
6MZ C9    H9C1   sing N N 15  
6MZ C9    H9C2   sing N N 16  
6MZ "C5'" "H5'1" sing N N 17  
6MZ "C5'" "H5'2" sing N N 18  
6MZ "C4'" "H4'"  sing N N 19  
6MZ "C3'" "H3'"  sing N N 20  
6MZ "C2'" "H2'"  sing N N 21  
6MZ "O2'" HA     sing N N 22  
6MZ "O3'" HB     sing N N 23  
6MZ O3P   H3P    sing N N 24  
6MZ "C5'" "C4'"  sing N N 25  
6MZ "C4'" "O4'"  sing N N 26  
6MZ N9    "C1'"  sing N N 27  
6MZ "O4'" "C1'"  sing N N 28  
6MZ "C1'" "C2'"  sing N N 29  
6MZ "C2'" "O2'"  sing N N 30  
6MZ "C4'" "C3'"  sing N N 31  
6MZ "C2'" "C3'"  sing N N 32  
6MZ "C3'" "O3'"  sing N N 33  
6MZ O1P   P      sing N N 34  
6MZ O2P   P      doub N N 35  
6MZ "O5'" P      sing N N 36  
6MZ P     O3P    sing N N 37  
6MZ C2    H2     sing N N 38  
6MZ O1P   H1P    sing N N 39  
6MZ C8    H8     sing N N 40  
6MZ N6    H6     sing N N 41  
6MZ C9    H9     sing N N 42  
A   OP3   P      sing N N 43  
A   OP3   HOP3   sing N N 44  
A   P     OP1    doub N N 45  
A   P     OP2    sing N N 46  
A   P     "O5'"  sing N N 47  
A   OP2   HOP2   sing N N 48  
A   "O5'" "C5'"  sing N N 49  
A   "C5'" "C4'"  sing N N 50  
A   "C5'" "H5'"  sing N N 51  
A   "C5'" "H5''" sing N N 52  
A   "C4'" "O4'"  sing N N 53  
A   "C4'" "C3'"  sing N N 54  
A   "C4'" "H4'"  sing N N 55  
A   "O4'" "C1'"  sing N N 56  
A   "C3'" "O3'"  sing N N 57  
A   "C3'" "C2'"  sing N N 58  
A   "C3'" "H3'"  sing N N 59  
A   "O3'" "HO3'" sing N N 60  
A   "C2'" "O2'"  sing N N 61  
A   "C2'" "C1'"  sing N N 62  
A   "C2'" "H2'"  sing N N 63  
A   "O2'" "HO2'" sing N N 64  
A   "C1'" N9     sing N N 65  
A   "C1'" "H1'"  sing N N 66  
A   N9    C8     sing Y N 67  
A   N9    C4     sing Y N 68  
A   C8    N7     doub Y N 69  
A   C8    H8     sing N N 70  
A   N7    C5     sing Y N 71  
A   C5    C6     sing Y N 72  
A   C5    C4     doub Y N 73  
A   C6    N6     sing N N 74  
A   C6    N1     doub Y N 75  
A   N6    H61    sing N N 76  
A   N6    H62    sing N N 77  
A   N1    C2     sing Y N 78  
A   C2    N3     doub Y N 79  
A   C2    H2     sing N N 80  
A   N3    C4     sing Y N 81  
C   OP3   P      sing N N 82  
C   OP3   HOP3   sing N N 83  
C   P     OP1    doub N N 84  
C   P     OP2    sing N N 85  
C   P     "O5'"  sing N N 86  
C   OP2   HOP2   sing N N 87  
C   "O5'" "C5'"  sing N N 88  
C   "C5'" "C4'"  sing N N 89  
C   "C5'" "H5'"  sing N N 90  
C   "C5'" "H5''" sing N N 91  
C   "C4'" "O4'"  sing N N 92  
C   "C4'" "C3'"  sing N N 93  
C   "C4'" "H4'"  sing N N 94  
C   "O4'" "C1'"  sing N N 95  
C   "C3'" "O3'"  sing N N 96  
C   "C3'" "C2'"  sing N N 97  
C   "C3'" "H3'"  sing N N 98  
C   "O3'" "HO3'" sing N N 99  
C   "C2'" "O2'"  sing N N 100 
C   "C2'" "C1'"  sing N N 101 
C   "C2'" "H2'"  sing N N 102 
C   "O2'" "HO2'" sing N N 103 
C   "C1'" N1     sing N N 104 
C   "C1'" "H1'"  sing N N 105 
C   N1    C2     sing N N 106 
C   N1    C6     sing N N 107 
C   C2    O2     doub N N 108 
C   C2    N3     sing N N 109 
C   N3    C4     doub N N 110 
C   C4    N4     sing N N 111 
C   C4    C5     sing N N 112 
C   N4    H41    sing N N 113 
C   N4    H42    sing N N 114 
C   C5    C6     doub N N 115 
C   C5    H5     sing N N 116 
C   C6    H6     sing N N 117 
G   OP3   P      sing N N 118 
G   OP3   HOP3   sing N N 119 
G   P     OP1    doub N N 120 
G   P     OP2    sing N N 121 
G   P     "O5'"  sing N N 122 
G   OP2   HOP2   sing N N 123 
G   "O5'" "C5'"  sing N N 124 
G   "C5'" "C4'"  sing N N 125 
G   "C5'" "H5'"  sing N N 126 
G   "C5'" "H5''" sing N N 127 
G   "C4'" "O4'"  sing N N 128 
G   "C4'" "C3'"  sing N N 129 
G   "C4'" "H4'"  sing N N 130 
G   "O4'" "C1'"  sing N N 131 
G   "C3'" "O3'"  sing N N 132 
G   "C3'" "C2'"  sing N N 133 
G   "C3'" "H3'"  sing N N 134 
G   "O3'" "HO3'" sing N N 135 
G   "C2'" "O2'"  sing N N 136 
G   "C2'" "C1'"  sing N N 137 
G   "C2'" "H2'"  sing N N 138 
G   "O2'" "HO2'" sing N N 139 
G   "C1'" N9     sing N N 140 
G   "C1'" "H1'"  sing N N 141 
G   N9    C8     sing Y N 142 
G   N9    C4     sing Y N 143 
G   C8    N7     doub Y N 144 
G   C8    H8     sing N N 145 
G   N7    C5     sing Y N 146 
G   C5    C6     sing N N 147 
G   C5    C4     doub Y N 148 
G   C6    O6     doub N N 149 
G   C6    N1     sing N N 150 
G   N1    C2     sing N N 151 
G   N1    H1     sing N N 152 
G   C2    N2     sing N N 153 
G   C2    N3     doub N N 154 
G   N2    H21    sing N N 155 
G   N2    H22    sing N N 156 
G   N3    C4     sing N N 157 
U   OP3   P      sing N N 158 
U   OP3   HOP3   sing N N 159 
U   P     OP1    doub N N 160 
U   P     OP2    sing N N 161 
U   P     "O5'"  sing N N 162 
U   OP2   HOP2   sing N N 163 
U   "O5'" "C5'"  sing N N 164 
U   "C5'" "C4'"  sing N N 165 
U   "C5'" "H5'"  sing N N 166 
U   "C5'" "H5''" sing N N 167 
U   "C4'" "O4'"  sing N N 168 
U   "C4'" "C3'"  sing N N 169 
U   "C4'" "H4'"  sing N N 170 
U   "O4'" "C1'"  sing N N 171 
U   "C3'" "O3'"  sing N N 172 
U   "C3'" "C2'"  sing N N 173 
U   "C3'" "H3'"  sing N N 174 
U   "O3'" "HO3'" sing N N 175 
U   "C2'" "O2'"  sing N N 176 
U   "C2'" "C1'"  sing N N 177 
U   "C2'" "H2'"  sing N N 178 
U   "O2'" "HO2'" sing N N 179 
U   "C1'" N1     sing N N 180 
U   "C1'" "H1'"  sing N N 181 
U   N1    C2     sing N N 182 
U   N1    C6     sing N N 183 
U   C2    O2     doub N N 184 
U   C2    N3     sing N N 185 
U   N3    C4     sing N N 186 
U   N3    H3     sing N N 187 
U   C4    O4     doub N N 188 
U   C4    C5     sing N N 189 
U   C5    C6     doub N N 190 
U   C5    H5     sing N N 191 
U   C6    H6     sing N N 192 
# 
loop_
_ndb_struct_conf_na.entry_id 
_ndb_struct_conf_na.feature 
2MVS 'a-form double helix'  
2MVS 'mismatched base pair' 
# 
loop_
_ndb_struct_na_base_pair.model_number 
_ndb_struct_na_base_pair.i_label_asym_id 
_ndb_struct_na_base_pair.i_label_comp_id 
_ndb_struct_na_base_pair.i_label_seq_id 
_ndb_struct_na_base_pair.i_symmetry 
_ndb_struct_na_base_pair.j_label_asym_id 
_ndb_struct_na_base_pair.j_label_comp_id 
_ndb_struct_na_base_pair.j_label_seq_id 
_ndb_struct_na_base_pair.j_symmetry 
_ndb_struct_na_base_pair.shear 
_ndb_struct_na_base_pair.stretch 
_ndb_struct_na_base_pair.stagger 
_ndb_struct_na_base_pair.buckle 
_ndb_struct_na_base_pair.propeller 
_ndb_struct_na_base_pair.opening 
_ndb_struct_na_base_pair.pair_number 
_ndb_struct_na_base_pair.pair_name 
_ndb_struct_na_base_pair.i_auth_asym_id 
_ndb_struct_na_base_pair.i_auth_seq_id 
_ndb_struct_na_base_pair.i_PDB_ins_code 
_ndb_struct_na_base_pair.j_auth_asym_id 
_ndb_struct_na_base_pair.j_auth_seq_id 
_ndb_struct_na_base_pair.j_PDB_ins_code 
_ndb_struct_na_base_pair.hbond_type_28 
_ndb_struct_na_base_pair.hbond_type_12 
1 A G 1  1_555 B C 10 1_555 -0.634 -0.175 0.021  -14.714 -14.529 -0.091  1 1_G1:C20_2  1 1  ? 2 20 ? 19 1 
1 A G 2  1_555 B C 9  1_555 -0.533 -0.323 -0.655 -11.698 -20.275 1.403   2 1_G2:C19_2  1 2  ? 2 19 ? 19 1 
1 A C 4  1_555 B G 7  1_555 0.573  -0.205 -0.538 12.500  -29.401 5.295   3 1_C4:G17_2  1 4  ? 2 17 ? 19 1 
1 A U 5  1_555 B A 6  1_555 0.254  -0.445 0.344  2.564   -20.958 -15.932 4 1_U5:A16_2  1 5  ? 2 16 ? 20 1 
1 A A 6  1_555 B U 5  1_555 0.150  0.157  0.847  7.859   -11.328 -5.032  5 1_A6:U15_2  1 6  ? 2 15 ? 20 1 
1 A G 7  1_555 B C 4  1_555 -0.664 -0.002 -0.402 -1.585  -30.616 9.850   6 1_G7:C14_2  1 7  ? 2 14 ? 19 1 
1 A C 9  1_555 B G 2  1_555 0.324  -0.353 -0.541 11.098  -19.608 -1.132  7 1_C9:G12_2  1 9  ? 2 12 ? 19 1 
1 A C 10 1_555 B G 1  1_555 0.650  -0.329 0.045  16.617  -17.183 -1.452  8 1_C10:G11_2 1 10 ? 2 11 ? 19 1 
# 
loop_
_ndb_struct_na_base_pair_step.model_number 
_ndb_struct_na_base_pair_step.i_label_asym_id_1 
_ndb_struct_na_base_pair_step.i_label_comp_id_1 
_ndb_struct_na_base_pair_step.i_label_seq_id_1 
_ndb_struct_na_base_pair_step.i_symmetry_1 
_ndb_struct_na_base_pair_step.j_label_asym_id_1 
_ndb_struct_na_base_pair_step.j_label_comp_id_1 
_ndb_struct_na_base_pair_step.j_label_seq_id_1 
_ndb_struct_na_base_pair_step.j_symmetry_1 
_ndb_struct_na_base_pair_step.i_label_asym_id_2 
_ndb_struct_na_base_pair_step.i_label_comp_id_2 
_ndb_struct_na_base_pair_step.i_label_seq_id_2 
_ndb_struct_na_base_pair_step.i_symmetry_2 
_ndb_struct_na_base_pair_step.j_label_asym_id_2 
_ndb_struct_na_base_pair_step.j_label_comp_id_2 
_ndb_struct_na_base_pair_step.j_label_seq_id_2 
_ndb_struct_na_base_pair_step.j_symmetry_2 
_ndb_struct_na_base_pair_step.shift 
_ndb_struct_na_base_pair_step.slide 
_ndb_struct_na_base_pair_step.rise 
_ndb_struct_na_base_pair_step.tilt 
_ndb_struct_na_base_pair_step.roll 
_ndb_struct_na_base_pair_step.twist 
_ndb_struct_na_base_pair_step.x_displacement 
_ndb_struct_na_base_pair_step.y_displacement 
_ndb_struct_na_base_pair_step.helical_rise 
_ndb_struct_na_base_pair_step.inclination 
_ndb_struct_na_base_pair_step.tip 
_ndb_struct_na_base_pair_step.helical_twist 
_ndb_struct_na_base_pair_step.step_number 
_ndb_struct_na_base_pair_step.step_name 
_ndb_struct_na_base_pair_step.i_auth_asym_id_1 
_ndb_struct_na_base_pair_step.i_auth_seq_id_1 
_ndb_struct_na_base_pair_step.i_PDB_ins_code_1 
_ndb_struct_na_base_pair_step.j_auth_asym_id_1 
_ndb_struct_na_base_pair_step.j_auth_seq_id_1 
_ndb_struct_na_base_pair_step.j_PDB_ins_code_1 
_ndb_struct_na_base_pair_step.i_auth_asym_id_2 
_ndb_struct_na_base_pair_step.i_auth_seq_id_2 
_ndb_struct_na_base_pair_step.i_PDB_ins_code_2 
_ndb_struct_na_base_pair_step.j_auth_asym_id_2 
_ndb_struct_na_base_pair_step.j_auth_seq_id_2 
_ndb_struct_na_base_pair_step.j_PDB_ins_code_2 
1 A G 1 1_555 B C 10 1_555 A G 2  1_555 B C 9 1_555 -0.450 -0.601 3.081 1.339  9.490  35.936 -2.105 0.871  2.819 15.054 -2.125 
37.151 1 11_G1G2:C19C20_22  1 1 ? 2 20 ? 1 2  ? 2 19 ? 
1 A G 2 1_555 B C 9  1_555 A C 4  1_555 B G 7 1_555 0.531  -0.362 5.573 2.609  9.945  74.013 -0.822 -0.301 5.509 8.223  -2.157 
74.623 2 11_G2C4:G17C19_22  1 2 ? 2 19 ? 1 4  ? 2 17 ? 
1 A C 4 1_555 B G 7  1_555 A U 5  1_555 B A 6 1_555 -1.030 -0.491 3.569 -5.015 10.261 38.025 -2.036 0.877  3.432 15.330 7.492  
39.642 3 11_C4U5:A16G17_22  1 4 ? 2 17 ? 1 5  ? 2 16 ? 
1 A U 5 1_555 B A 6  1_555 A A 6  1_555 B U 5 1_555 -0.154 -1.379 2.779 -4.140 5.799  28.963 -3.665 -0.402 2.461 11.378 8.124  
29.808 4 11_U5A6:U15A16_22  1 5 ? 2 16 ? 1 6  ? 2 15 ? 
1 A A 6 1_555 B U 5  1_555 A G 7  1_555 B C 4 1_555 1.085  -0.344 3.630 5.263  16.984 34.990 -2.793 -0.914 3.256 26.258 -8.137 
39.122 5 11_A6G7:C14U15_22  1 6 ? 2 15 ? 1 7  ? 2 14 ? 
1 A G 7 1_555 B C 4  1_555 A C 9  1_555 B G 2 1_555 -1.090 -0.611 5.845 -2.600 4.746  73.647 -0.777 0.761  5.833 3.954  2.166  
73.817 6 11_G7C9:G12C14_22  1 7 ? 2 14 ? 1 9  ? 2 12 ? 
1 A C 9 1_555 B G 2  1_555 A C 10 1_555 B G 1 1_555 0.549  -0.475 2.949 -0.606 8.009  36.794 -1.659 -0.920 2.779 12.506 0.947  
37.631 7 11_C9C10:G11G12_22 1 9 ? 2 12 ? 1 10 ? 2 11 ? 
# 
loop_
_pdbx_nmr_spectrometer.field_strength 
_pdbx_nmr_spectrometer.manufacturer 
_pdbx_nmr_spectrometer.model 
_pdbx_nmr_spectrometer.spectrometer_id 
_pdbx_nmr_spectrometer.type 
600 Varian INOVA 1 'Varian INOVA' 
500 Varian INOVA 2 'Varian INOVA' 
# 
_atom_sites.entry_id                    2MVS 
_atom_sites.fract_transf_matrix[1][1]   1.000000 
_atom_sites.fract_transf_matrix[1][2]   0.000000 
_atom_sites.fract_transf_matrix[1][3]   0.000000 
_atom_sites.fract_transf_matrix[2][1]   0.000000 
_atom_sites.fract_transf_matrix[2][2]   1.000000 
_atom_sites.fract_transf_matrix[2][3]   0.000000 
_atom_sites.fract_transf_matrix[3][1]   0.000000 
_atom_sites.fract_transf_matrix[3][2]   0.000000 
_atom_sites.fract_transf_matrix[3][3]   1.000000 
_atom_sites.fract_transf_vector[1]      0.00000 
_atom_sites.fract_transf_vector[2]      0.00000 
_atom_sites.fract_transf_vector[3]      0.00000 
# 
loop_
_atom_type.symbol 
C 
H 
N 
O 
P 
# 
loop_
_atom_site.group_PDB 
_atom_site.id 
_atom_site.type_symbol 
_atom_site.label_atom_id 
_atom_site.label_alt_id 
_atom_site.label_comp_id 
_atom_site.label_asym_id 
_atom_site.label_entity_id 
_atom_site.label_seq_id 
_atom_site.pdbx_PDB_ins_code 
_atom_site.Cartn_x 
_atom_site.Cartn_y 
_atom_site.Cartn_z 
_atom_site.occupancy 
_atom_site.B_iso_or_equiv 
_atom_site.pdbx_formal_charge 
_atom_site.auth_seq_id 
_atom_site.auth_comp_id 
_atom_site.auth_asym_id 
_atom_site.auth_atom_id 
_atom_site.pdbx_PDB_model_num 
ATOM   1   O "O5'"  . G   A 1 1  ? 5.954   12.580  -0.052  1.00 1.09 ? 1  G   1 "O5'"  1 
ATOM   2   C "C5'"  . G   A 1 1  ? 7.337   12.751  -0.379  1.00 1.16 ? 1  G   1 "C5'"  1 
ATOM   3   C "C4'"  . G   A 1 1  ? 8.242   12.272  0.751   1.00 1.12 ? 1  G   1 "C4'"  1 
ATOM   4   O "O4'"  . G   A 1 1  ? 7.893   12.961  1.956   1.00 1.14 ? 1  G   1 "O4'"  1 
ATOM   5   C "C3'"  . G   A 1 1  ? 8.098   10.801  1.100   1.00 1.02 ? 1  G   1 "C3'"  1 
ATOM   6   O "O3'"  . G   A 1 1  ? 9.106   10.095  0.371   1.00 1.09 ? 1  G   1 "O3'"  1 
ATOM   7   C "C2'"  . G   A 1 1  ? 8.491   10.750  2.568   1.00 1.04 ? 1  G   1 "C2'"  1 
ATOM   8   O "O2'"  . G   A 1 1  ? 9.914   10.704  2.706   1.00 1.17 ? 1  G   1 "O2'"  1 
ATOM   9   C "C1'"  . G   A 1 1  ? 7.943   12.078  3.089   1.00 1.09 ? 1  G   1 "C1'"  1 
ATOM   10  N N9     . G   A 1 1  ? 6.582   11.943  3.641   1.00 0.99 ? 1  G   1 N9     1 
ATOM   11  C C8     . G   A 1 1  ? 5.400   12.412  3.128   1.00 0.95 ? 1  G   1 C8     1 
ATOM   12  N N7     . G   A 1 1  ? 4.360   12.126  3.859   1.00 0.89 ? 1  G   1 N7     1 
ATOM   13  C C5     . G   A 1 1  ? 4.889   11.419  4.934   1.00 0.89 ? 1  G   1 C5     1 
ATOM   14  C C6     . G   A 1 1  ? 4.235   10.846  6.058   1.00 0.87 ? 1  G   1 C6     1 
ATOM   15  O O6     . G   A 1 1  ? 3.035   10.856  6.329   1.00 0.82 ? 1  G   1 O6     1 
ATOM   16  N N1     . G   A 1 1  ? 5.133   10.220  6.908   1.00 0.94 ? 1  G   1 N1     1 
ATOM   17  C C2     . G   A 1 1  ? 6.492   10.148  6.705   1.00 1.03 ? 1  G   1 C2     1 
ATOM   18  N N2     . G   A 1 1  ? 7.208   9.503   7.628   1.00 1.13 ? 1  G   1 N2     1 
ATOM   19  N N3     . G   A 1 1  ? 7.117   10.682  5.652   1.00 1.04 ? 1  G   1 N3     1 
ATOM   20  C C4     . G   A 1 1  ? 6.252   11.300  4.810   1.00 0.97 ? 1  G   1 C4     1 
ATOM   21  H "H5'"  . G   A 1 1  ? 7.529   13.807  -0.567  1.00 1.26 ? 1  G   1 "H5'"  1 
ATOM   22  H "H5''" . G   A 1 1  ? 7.562   12.182  -1.281  1.00 1.19 ? 1  G   1 "H5''" 1 
ATOM   23  H "H4'"  . G   A 1 1  ? 9.276   12.506  0.496   1.00 1.20 ? 1  G   1 "H4'"  1 
ATOM   24  H "H3'"  . G   A 1 1  ? 7.103   10.405  0.905   1.00 0.95 ? 1  G   1 "H3'"  1 
ATOM   25  H "H2'"  . G   A 1 1  ? 8.018   9.907   3.071   1.00 0.98 ? 1  G   1 "H2'"  1 
ATOM   26  H "HO2'" . G   A 1 1  ? 10.288  10.742  1.823   1.00 1.45 ? 1  G   1 "HO2'" 1 
ATOM   27  H "H1'"  . G   A 1 1  ? 8.601   12.500  3.849   1.00 1.20 ? 1  G   1 "H1'"  1 
ATOM   28  H H8     . G   A 1 1  ? 5.336   12.972  2.195   1.00 0.99 ? 1  G   1 H8     1 
ATOM   29  H H1     . G   A 1 1  ? 4.754   9.784   7.736   1.00 0.95 ? 1  G   1 H1     1 
ATOM   30  H H21    . G   A 1 1  ? 6.754   9.135   8.451   1.00 1.14 ? 1  G   1 H21    1 
ATOM   31  H H22    . G   A 1 1  ? 8.203   9.385   7.503   1.00 1.21 ? 1  G   1 H22    1 
ATOM   32  H "HO5'" . G   A 1 1  ? 5.634   11.824  -0.551  1.00 1.43 ? 1  G   1 "HO5'" 1 
ATOM   33  P P      . G   A 1 2  ? 8.826   8.608   -0.179  1.00 1.11 ? 2  G   1 P      1 
ATOM   34  O OP1    . G   A 1 2  ? 9.868   8.279   -1.176  1.00 1.28 ? 2  G   1 OP1    1 
ATOM   35  O OP2    . G   A 1 2  ? 7.395   8.512   -0.548  1.00 1.03 ? 2  G   1 OP2    1 
ATOM   36  O "O5'"  . G   A 1 2  ? 9.071   7.698   1.126   1.00 1.14 ? 2  G   1 "O5'"  1 
ATOM   37  C "C5'"  . G   A 1 2  ? 10.334  7.719   1.798   1.00 1.29 ? 2  G   1 "C5'"  1 
ATOM   38  C "C4'"  . G   A 1 2  ? 10.294  6.913   3.092   1.00 1.30 ? 2  G   1 "C4'"  1 
ATOM   39  O "O4'"  . G   A 1 2  ? 9.657   7.691   4.111   1.00 1.22 ? 2  G   1 "O4'"  1 
ATOM   40  C "C3'"  . G   A 1 2  ? 9.471   5.638   3.021   1.00 1.25 ? 2  G   1 "C3'"  1 
ATOM   41  O "O3'"  . G   A 1 2  ? 10.373  4.571   2.715   1.00 1.40 ? 2  G   1 "O3'"  1 
ATOM   42  C "C2'"  . G   A 1 2  ? 9.011   5.437   4.456   1.00 1.22 ? 2  G   1 "C2'"  1 
ATOM   43  O "O2'"  . G   A 1 2  ? 10.036  4.803   5.226   1.00 1.37 ? 2  G   1 "O2'"  1 
ATOM   44  C "C1'"  . G   A 1 2  ? 8.799   6.875   4.925   1.00 1.16 ? 2  G   1 "C1'"  1 
ATOM   45  N N9     . G   A 1 2  ? 7.406   7.324   4.740   1.00 0.99 ? 2  G   1 N9     1 
ATOM   46  C C8     . G   A 1 2  ? 6.850   7.967   3.663   1.00 0.89 ? 2  G   1 C8     1 
ATOM   47  N N7     . G   A 1 2  ? 5.582   8.231   3.808   1.00 0.77 ? 2  G   1 N7     1 
ATOM   48  C C5     . G   A 1 2  ? 5.275   7.729   5.067   1.00 0.78 ? 2  G   1 C5     1 
ATOM   49  C C6     . G   A 1 2  ? 4.040   7.727   5.771   1.00 0.69 ? 2  G   1 C6     1 
ATOM   50  O O6     . G   A 1 2  ? 2.956   8.177   5.409   1.00 0.59 ? 2  G   1 O6     1 
ATOM   51  N N1     . G   A 1 2  ? 4.161   7.122   7.013   1.00 0.78 ? 2  G   1 N1     1 
ATOM   52  C C2     . G   A 1 2  ? 5.322   6.585   7.520   1.00 0.92 ? 2  G   1 C2     1 
ATOM   53  N N2     . G   A 1 2  ? 5.256   6.041   8.735   1.00 1.01 ? 2  G   1 N2     1 
ATOM   54  N N3     . G   A 1 2  ? 6.488   6.582   6.867   1.00 1.00 ? 2  G   1 N3     1 
ATOM   55  C C4     . G   A 1 2  ? 6.387   7.170   5.649   1.00 0.92 ? 2  G   1 C4     1 
ATOM   56  H "H5'"  . G   A 1 2  ? 10.597  8.751   2.030   1.00 1.32 ? 2  G   1 "H5'"  1 
ATOM   57  H "H5''" . G   A 1 2  ? 11.093  7.297   1.139   1.00 1.40 ? 2  G   1 "H5''" 1 
ATOM   58  H "H4'"  . G   A 1 2  ? 11.315  6.691   3.402   1.00 1.42 ? 2  G   1 "H4'"  1 
ATOM   59  H "H3'"  . G   A 1 2  ? 8.649   5.691   2.307   1.00 1.16 ? 2  G   1 "H3'"  1 
ATOM   60  H "H2'"  . G   A 1 2  ? 8.081   4.871   4.493   1.00 1.14 ? 2  G   1 "H2'"  1 
ATOM   61  H "HO2'" . G   A 1 2  ? 9.821   3.869   5.273   1.00 1.65 ? 2  G   1 "HO2'" 1 
ATOM   62  H "H1'"  . G   A 1 2  ? 9.079   6.989   5.972   1.00 1.22 ? 2  G   1 "H1'"  1 
ATOM   63  H H8     . G   A 1 2  ? 7.417   8.231   2.770   1.00 0.94 ? 2  G   1 H8     1 
ATOM   64  H H1     . G   A 1 2  ? 3.329   7.076   7.583   1.00 0.75 ? 2  G   1 H1     1 
ATOM   65  H H21    . G   A 1 2  ? 4.371   5.996   9.221   1.00 0.97 ? 2  G   1 H21    1 
ATOM   66  H H22    . G   A 1 2  ? 6.091   5.674   9.170   1.00 1.12 ? 2  G   1 H22    1 
HETATM 67  C C2     . 6MZ A 1 3  ? 2.938   4.028   6.764   1.00 0.64 ? 3  6MZ 1 C2     1 
HETATM 68  C C4     . 6MZ A 1 3  ? 4.778   3.634   5.631   1.00 0.81 ? 3  6MZ 1 C4     1 
HETATM 69  C C5     . 6MZ A 1 3  ? 4.370   4.397   4.574   1.00 0.73 ? 3  6MZ 1 C5     1 
HETATM 70  O O1P    . 6MZ A 1 3  ? 11.033  2.443   1.571   1.00 1.62 ? 3  6MZ 1 O1P    1 
HETATM 71  O O2P    . 6MZ A 1 3  ? 8.893   3.683   0.900   1.00 1.34 ? 3  6MZ 1 O2P    1 
HETATM 72  N N9     . 6MZ A 1 3  ? 6.017   3.147   5.294   1.00 0.96 ? 3  6MZ 1 N9     1 
HETATM 73  N N3     . 6MZ A 1 3  ? 4.105   3.399   6.777   1.00 0.78 ? 3  6MZ 1 N3     1 
HETATM 74  N N1     . 6MZ A 1 3  ? 2.415   4.796   5.816   1.00 0.53 ? 3  6MZ 1 N1     1 
HETATM 75  C C6     . 6MZ A 1 3  ? 3.113   5.009   4.689   1.00 0.57 ? 3  6MZ 1 C6     1 
HETATM 76  N N6     . 6MZ A 1 3  ? 2.580   5.783   3.744   1.00 0.50 ? 3  6MZ 1 N6     1 
HETATM 77  C C9     . 6MZ A 1 3  ? 3.237   5.957   2.540   1.00 0.58 ? 3  6MZ 1 C9     1 
HETATM 78  N N7     . 6MZ A 1 3  ? 5.334   4.405   3.570   1.00 0.83 ? 3  6MZ 1 N7     1 
HETATM 79  C C8     . 6MZ A 1 3  ? 6.286   3.651   4.046   1.00 0.97 ? 3  6MZ 1 C8     1 
HETATM 80  O "O5'"  . 6MZ A 1 3  ? 9.041   2.473   3.089   1.00 1.35 ? 3  6MZ 1 "O5'"  1 
HETATM 81  C "C5'"  . 6MZ A 1 3  ? 9.734   1.705   4.075   1.00 1.46 ? 3  6MZ 1 "C5'"  1 
HETATM 82  C "C4'"  . 6MZ A 1 3  ? 8.815   1.306   5.224   1.00 1.37 ? 3  6MZ 1 "C4'"  1 
HETATM 83  O "O4'"  . 6MZ A 1 3  ? 8.232   2.485   5.791   1.00 1.24 ? 3  6MZ 1 "O4'"  1 
HETATM 84  C "C1'"  . 6MZ A 1 3  ? 6.853   2.267   6.132   1.00 1.10 ? 3  6MZ 1 "C1'"  1 
HETATM 85  C "C2'"  . 6MZ A 1 3  ? 6.580   0.788   5.871   1.00 1.14 ? 3  6MZ 1 "C2'"  1 
HETATM 86  O "O2'"  . 6MZ A 1 3  ? 6.800   0.020   7.057   1.00 1.22 ? 3  6MZ 1 "O2'"  1 
HETATM 87  C "C3'"  . 6MZ A 1 3  ? 7.624   0.454   4.818   1.00 1.28 ? 3  6MZ 1 "C3'"  1 
HETATM 88  O "O3'"  . 6MZ A 1 3  ? 7.998   -0.912  5.015   1.00 1.40 ? 3  6MZ 1 "O3'"  1 
HETATM 89  P P      . 6MZ A 1 3  ? 9.854   3.258   1.942   1.00 1.43 ? 3  6MZ 1 P      1 
HETATM 90  H H2     . 6MZ A 1 3  ? 2.323   3.895   7.654   1.00 0.63 ? 3  6MZ 1 H2     1 
HETATM 91  H H8     . 6MZ A 1 3  ? 7.208   3.441   3.504   1.00 1.09 ? 3  6MZ 1 H8     1 
HETATM 92  H "H1'"  . 6MZ A 1 3  ? 6.698   2.514   7.182   1.00 1.10 ? 3  6MZ 1 "H1'"  1 
HETATM 93  H H9C1   . 6MZ A 1 3  ? 3.689   6.948   2.513   1.00 1.12 ? 3  6MZ 1 H9C1   1 
HETATM 94  H H9C2   . 6MZ A 1 3  ? 2.526   5.859   1.719   1.00 1.20 ? 3  6MZ 1 H9C2   1 
HETATM 95  H "H5'1" . 6MZ A 1 3  ? 10.561  2.296   4.470   1.00 1.53 ? 3  6MZ 1 "H5'1" 1 
HETATM 96  H "H5'2" . 6MZ A 1 3  ? 10.132  0.804   3.608   1.00 1.58 ? 3  6MZ 1 "H5'2" 1 
HETATM 97  H "H4'"  . 6MZ A 1 3  ? 9.404   0.799   5.988   1.00 1.46 ? 3  6MZ 1 "H4'"  1 
HETATM 98  H "H3'"  . 6MZ A 1 3  ? 7.285   0.640   3.800   1.00 1.24 ? 3  6MZ 1 "H3'"  1 
HETATM 99  H "H2'"  . 6MZ A 1 3  ? 5.572   0.638   5.484   1.00 1.04 ? 3  6MZ 1 "H2'"  1 
HETATM 100 H HA     . 6MZ A 1 3  ? 6.549   0.570   7.804   1.00 1.58 ? 3  6MZ 1 HA     1 
HETATM 101 H H6     . 6MZ A 1 3  ? 1.694   6.242   3.907   1.00 0.41 ? 3  6MZ 1 H6     1 
HETATM 102 H H9     . 6MZ A 1 3  ? 4.015   5.200   2.439   1.00 1.23 ? 3  6MZ 1 H9     1 
ATOM   103 P P      . C   A 1 4  ? 7.135   -2.098  4.351   1.00 1.42 ? 4  C   1 P      1 
ATOM   104 O OP1    . C   A 1 4  ? 7.799   -3.384  4.663   1.00 1.58 ? 4  C   1 OP1    1 
ATOM   105 O OP2    . C   A 1 4  ? 6.854   -1.735  2.943   1.00 1.42 ? 4  C   1 OP2    1 
ATOM   106 O "O5'"  . C   A 1 4  ? 5.753   -2.032  5.174   1.00 1.25 ? 4  C   1 "O5'"  1 
ATOM   107 C "C5'"  . C   A 1 4  ? 5.718   -2.381  6.561   1.00 1.24 ? 4  C   1 "C5'"  1 
ATOM   108 C "C4'"  . C   A 1 4  ? 4.354   -2.086  7.177   1.00 1.06 ? 4  C   1 "C4'"  1 
ATOM   109 O "O4'"  . C   A 1 4  ? 4.135   -0.671  7.179   1.00 0.96 ? 4  C   1 "O4'"  1 
ATOM   110 C "C3'"  . C   A 1 4  ? 3.172   -2.651  6.407   1.00 0.98 ? 4  C   1 "C3'"  1 
ATOM   111 O "O3'"  . C   A 1 4  ? 2.852   -3.914  6.995   1.00 1.01 ? 4  C   1 "O3'"  1 
ATOM   112 C "C2'"  . C   A 1 4  ? 2.042   -1.697  6.753   1.00 0.80 ? 4  C   1 "C2'"  1 
ATOM   113 O "O2'"  . C   A 1 4  ? 1.460   -2.043  8.013   1.00 0.76 ? 4  C   1 "O2'"  1 
ATOM   114 C "C1'"  . C   A 1 4  ? 2.772   -0.358  6.848   1.00 0.80 ? 4  C   1 "C1'"  1 
ATOM   115 N N1     . C   A 1 4  ? 2.755   0.381   5.573   1.00 0.77 ? 4  C   1 N1     1 
ATOM   116 C C2     . C   A 1 4  ? 1.819   1.393   5.431   1.00 0.63 ? 4  C   1 C2     1 
ATOM   117 O O2     . C   A 1 4  ? 1.042   1.648   6.348   1.00 0.54 ? 4  C   1 O2     1 
ATOM   118 N N3     . C   A 1 4  ? 1.783   2.091   4.262   1.00 0.60 ? 4  C   1 N3     1 
ATOM   119 C C4     . C   A 1 4  ? 2.636   1.804   3.269   1.00 0.73 ? 4  C   1 C4     1 
ATOM   120 N N4     . C   A 1 4  ? 2.552   2.522   2.148   1.00 0.72 ? 4  C   1 N4     1 
ATOM   121 C C5     . C   A 1 4  ? 3.604   0.760   3.409   1.00 0.88 ? 4  C   1 C5     1 
ATOM   122 C C6     . C   A 1 4  ? 3.629   0.078   4.570   1.00 0.89 ? 4  C   1 C6     1 
ATOM   123 H "H5'"  . C   A 1 4  ? 6.479   -1.810  7.091   1.00 1.29 ? 4  C   1 "H5'"  1 
ATOM   124 H "H5''" . C   A 1 4  ? 5.933   -3.444  6.666   1.00 1.34 ? 4  C   1 "H5''" 1 
ATOM   125 H "H4'"  . C   A 1 4  ? 4.347   -2.447  8.206   1.00 1.07 ? 4  C   1 "H4'"  1 
ATOM   126 H "H3'"  . C   A 1 4  ? 3.355   -2.736  5.336   1.00 1.03 ? 4  C   1 "H3'"  1 
ATOM   127 H "H2'"  . C   A 1 4  ? 1.290   -1.677  5.964   1.00 0.76 ? 4  C   1 "H2'"  1 
ATOM   128 H "HO2'" . C   A 1 4  ? 0.612   -2.455  7.833   1.00 1.19 ? 4  C   1 "HO2'" 1 
ATOM   129 H "H1'"  . C   A 1 4  ? 2.344   0.265   7.633   1.00 0.75 ? 4  C   1 "H1'"  1 
ATOM   130 H H41    . C   A 1 4  ? 1.904   3.294   2.092   1.00 0.62 ? 4  C   1 H41    1 
ATOM   131 H H42    . C   A 1 4  ? 3.136   2.292   1.357   1.00 0.82 ? 4  C   1 H42    1 
ATOM   132 H H5     . C   A 1 4  ? 4.303   0.518   2.608   1.00 0.99 ? 4  C   1 H5     1 
ATOM   133 H H6     . C   A 1 4  ? 4.355   -0.723  4.710   1.00 1.01 ? 4  C   1 H6     1 
ATOM   134 P P      . U   A 1 5  ? 2.229   -5.098  6.098   1.00 1.07 ? 5  U   1 P      1 
ATOM   135 O OP1    . U   A 1 5  ? 2.452   -6.379  6.804   1.00 1.17 ? 5  U   1 OP1    1 
ATOM   136 O OP2    . U   A 1 5  ? 2.709   -4.927  4.708   1.00 1.13 ? 5  U   1 OP2    1 
ATOM   137 O "O5'"  . U   A 1 5  ? 0.653   -4.771  6.131   1.00 0.94 ? 5  U   1 "O5'"  1 
ATOM   138 C "C5'"  . U   A 1 5  ? -0.069  -4.804  7.365   1.00 0.89 ? 5  U   1 "C5'"  1 
ATOM   139 C "C4'"  . U   A 1 5  ? -1.475  -4.234  7.207   1.00 0.78 ? 5  U   1 "C4'"  1 
ATOM   140 O "O4'"  . U   A 1 5  ? -1.387  -2.823  6.983   1.00 0.71 ? 5  U   1 "O4'"  1 
ATOM   141 C "C3'"  . U   A 1 5  ? -2.243  -4.760  6.006   1.00 0.77 ? 5  U   1 "C3'"  1 
ATOM   142 O "O3'"  . U   A 1 5  ? -3.043  -5.854  6.465   1.00 0.81 ? 5  U   1 "O3'"  1 
ATOM   143 C "C2'"  . U   A 1 5  ? -3.193  -3.622  5.673   1.00 0.68 ? 5  U   1 "C2'"  1 
ATOM   144 O "O2'"  . U   A 1 5  ? -4.351  -3.672  6.510   1.00 0.67 ? 5  U   1 "O2'"  1 
ATOM   145 C "C1'"  . U   A 1 5  ? -2.345  -2.394  6.002   1.00 0.65 ? 5  U   1 "C1'"  1 
ATOM   146 N N1     . U   A 1 5  ? -1.617  -1.884  4.825   1.00 0.63 ? 5  U   1 N1     1 
ATOM   147 C C2     . U   A 1 5  ? -2.220  -0.881  4.088   1.00 0.55 ? 5  U   1 C2     1 
ATOM   148 O O2     . U   A 1 5  ? -3.319  -0.416  4.382   1.00 0.50 ? 5  U   1 O2     1 
ATOM   149 N N3     . U   A 1 5  ? -1.511  -0.427  2.993   1.00 0.55 ? 5  U   1 N3     1 
ATOM   150 C C4     . U   A 1 5  ? -0.274  -0.882  2.577   1.00 0.63 ? 5  U   1 C4     1 
ATOM   151 O O4     . U   A 1 5  ? 0.257   -0.396  1.582   1.00 0.63 ? 5  U   1 O4     1 
ATOM   152 C C5     . U   A 1 5  ? 0.289   -1.930  3.398   1.00 0.72 ? 5  U   1 C5     1 
ATOM   153 C C6     . U   A 1 5  ? -0.391  -2.389  4.478   1.00 0.72 ? 5  U   1 C6     1 
ATOM   154 H "H5'"  . U   A 1 5  ? 0.470   -4.219  8.110   1.00 0.88 ? 5  U   1 "H5'"  1 
ATOM   155 H "H5''" . U   A 1 5  ? -0.141  -5.837  7.707   1.00 0.95 ? 5  U   1 "H5''" 1 
ATOM   156 H "H4'"  . U   A 1 5  ? -2.033  -4.412  8.126   1.00 0.79 ? 5  U   1 "H4'"  1 
ATOM   157 H "H3'"  . U   A 1 5  ? -1.601  -5.048  5.174   1.00 0.81 ? 5  U   1 "H3'"  1 
ATOM   158 H "H2'"  . U   A 1 5  ? -3.466  -3.637  4.617   1.00 0.68 ? 5  U   1 "H2'"  1 
ATOM   159 H "HO2'" . U   A 1 5  ? -4.200  -3.071  7.243   1.00 1.12 ? 5  U   1 "HO2'" 1 
ATOM   160 H "H1'"  . U   A 1 5  ? -2.959  -1.596  6.421   1.00 0.60 ? 5  U   1 "H1'"  1 
ATOM   161 H H3     . U   A 1 5  ? -1.938  0.306   2.444   1.00 0.52 ? 5  U   1 H3     1 
ATOM   162 H H5     . U   A 1 5  ? 1.263   -2.353  3.149   1.00 0.80 ? 5  U   1 H5     1 
ATOM   163 H H6     . U   A 1 5  ? 0.048   -3.179  5.086   1.00 0.80 ? 5  U   1 H6     1 
ATOM   164 P P      . A   A 1 6  ? -3.791  -6.816  5.413   1.00 0.84 ? 6  A   1 P      1 
ATOM   165 O OP1    . A   A 1 6  ? -4.604  -7.792  6.175   1.00 0.90 ? 6  A   1 OP1    1 
ATOM   166 O OP2    . A   A 1 6  ? -2.793  -7.294  4.431   1.00 0.88 ? 6  A   1 OP2    1 
ATOM   167 O "O5'"  . A   A 1 6  ? -4.792  -5.804  4.663   1.00 0.78 ? 6  A   1 "O5'"  1 
ATOM   168 C "C5'"  . A   A 1 6  ? -5.903  -5.232  5.358   1.00 0.76 ? 6  A   1 "C5'"  1 
ATOM   169 C "C4'"  . A   A 1 6  ? -6.813  -4.451  4.416   1.00 0.76 ? 6  A   1 "C4'"  1 
ATOM   170 O "O4'"  . A   A 1 6  ? -6.238  -3.164  4.167   1.00 0.82 ? 6  A   1 "O4'"  1 
ATOM   171 C "C3'"  . A   A 1 6  ? -6.977  -5.066  3.036   1.00 0.67 ? 6  A   1 "C3'"  1 
ATOM   172 O "O3'"  . A   A 1 6  ? -8.163  -5.863  3.068   1.00 0.65 ? 6  A   1 "O3'"  1 
ATOM   173 C "C2'"  . A   A 1 6  ? -7.269  -3.865  2.151   1.00 0.71 ? 6  A   1 "C2'"  1 
ATOM   174 O "O2'"  . A   A 1 6  ? -8.653  -3.514  2.223   1.00 0.77 ? 6  A   1 "O2'"  1 
ATOM   175 C "C1'"  . A   A 1 6  ? -6.406  -2.780  2.792   1.00 0.79 ? 6  A   1 "C1'"  1 
ATOM   176 N N9     . A   A 1 6  ? -5.074  -2.682  2.165   1.00 0.76 ? 6  A   1 N9     1 
ATOM   177 C C8     . A   A 1 6  ? -3.928  -3.368  2.476   1.00 0.75 ? 6  A   1 C8     1 
ATOM   178 N N7     . A   A 1 6  ? -2.908  -3.049  1.727   1.00 0.75 ? 6  A   1 N7     1 
ATOM   179 C C5     . A   A 1 6  ? -3.418  -2.086  0.864   1.00 0.74 ? 6  A   1 C5     1 
ATOM   180 C C6     . A   A 1 6  ? -2.841  -1.343  -0.178  1.00 0.74 ? 6  A   1 C6     1 
ATOM   181 N N6     . A   A 1 6  ? -1.566  -1.458  -0.548  1.00 0.75 ? 6  A   1 N6     1 
ATOM   182 N N1     . A   A 1 6  ? -3.626  -0.473  -0.833  1.00 0.75 ? 6  A   1 N1     1 
ATOM   183 C C2     . A   A 1 6  ? -4.897  -0.352  -0.472  1.00 0.76 ? 6  A   1 C2     1 
ATOM   184 N N3     . A   A 1 6  ? -5.556  -0.988  0.485   1.00 0.77 ? 6  A   1 N3     1 
ATOM   185 C C4     . A   A 1 6  ? -4.738  -1.853  1.122   1.00 0.75 ? 6  A   1 C4     1 
ATOM   186 H "H5'"  . A   A 1 6  ? -5.531  -4.559  6.131   1.00 0.80 ? 6  A   1 "H5'"  1 
ATOM   187 H "H5''" . A   A 1 6  ? -6.478  -6.030  5.828   1.00 0.76 ? 6  A   1 "H5''" 1 
ATOM   188 H "H4'"  . A   A 1 6  ? -7.785  -4.318  4.893   1.00 0.80 ? 6  A   1 "H4'"  1 
ATOM   189 H "H3'"  . A   A 1 6  ? -6.109  -5.641  2.712   1.00 0.63 ? 6  A   1 "H3'"  1 
ATOM   190 H "H2'"  . A   A 1 6  ? -6.962  -4.053  1.122   1.00 0.67 ? 6  A   1 "H2'"  1 
ATOM   191 H "HO2'" . A   A 1 6  ? -8.746  -2.638  1.840   1.00 1.24 ? 6  A   1 "HO2'" 1 
ATOM   192 H "H1'"  . A   A 1 6  ? -6.900  -1.810  2.745   1.00 0.87 ? 6  A   1 "H1'"  1 
ATOM   193 H H8     . A   A 1 6  ? -3.874  -4.110  3.273   1.00 0.76 ? 6  A   1 H8     1 
ATOM   194 H H61    . A   A 1 6  ? -1.204  -0.885  -1.298  1.00 0.75 ? 6  A   1 H61    1 
ATOM   195 H H62    . A   A 1 6  ? -0.961  -2.119  -0.080  1.00 0.78 ? 6  A   1 H62    1 
ATOM   196 H H2     . A   A 1 6  ? -5.481  0.371   -1.042  1.00 0.77 ? 6  A   1 H2     1 
ATOM   197 P P      . G   A 1 7  ? -8.440  -6.963  1.926   1.00 0.59 ? 7  G   1 P      1 
ATOM   198 O OP1    . G   A 1 7  ? -9.753  -7.589  2.195   1.00 0.63 ? 7  G   1 OP1    1 
ATOM   199 O OP2    . G   A 1 7  ? -7.231  -7.809  1.795   1.00 0.54 ? 7  G   1 OP2    1 
ATOM   200 O "O5'"  . G   A 1 7  ? -8.573  -6.064  0.598   1.00 0.59 ? 7  G   1 "O5'"  1 
ATOM   201 C "C5'"  . G   A 1 7  ? -9.829  -5.486  0.235   1.00 0.65 ? 7  G   1 "C5'"  1 
ATOM   202 C "C4'"  . G   A 1 7  ? -9.704  -4.605  -1.004  1.00 0.68 ? 7  G   1 "C4'"  1 
ATOM   203 O "O4'"  . G   A 1 7  ? -8.711  -3.602  -0.768  1.00 0.72 ? 7  G   1 "O4'"  1 
ATOM   204 C "C3'"  . G   A 1 7  ? -9.225  -5.327  -2.251  1.00 0.58 ? 7  G   1 "C3'"  1 
ATOM   205 O "O3'"  . G   A 1 7  ? -10.388 -5.713  -2.988  1.00 0.66 ? 7  G   1 "O3'"  1 
ATOM   206 C "C2'"  . G   A 1 7  ? -8.535  -4.231  -3.047  1.00 0.61 ? 7  G   1 "C2'"  1 
ATOM   207 O "O2'"  . G   A 1 7  ? -9.494  -3.469  -3.786  1.00 0.75 ? 7  G   1 "O2'"  1 
ATOM   208 C "C1'"  . G   A 1 7  ? -7.911  -3.382  -1.942  1.00 0.67 ? 7  G   1 "C1'"  1 
ATOM   209 N N9     . G   A 1 7  ? -6.522  -3.781  -1.646  1.00 0.58 ? 7  G   1 N9     1 
ATOM   210 C C8     . G   A 1 7  ? -6.072  -4.691  -0.724  1.00 0.55 ? 7  G   1 C8     1 
ATOM   211 N N7     . G   A 1 7  ? -4.775  -4.821  -0.706  1.00 0.53 ? 7  G   1 N7     1 
ATOM   212 C C5     . G   A 1 7  ? -4.334  -3.936  -1.684  1.00 0.54 ? 7  G   1 C5     1 
ATOM   213 C C6     . G   A 1 7  ? -3.013  -3.641  -2.118  1.00 0.58 ? 7  G   1 C6     1 
ATOM   214 O O6     . G   A 1 7  ? -1.954  -4.116  -1.713  1.00 0.63 ? 7  G   1 O6     1 
ATOM   215 N N1     . G   A 1 7  ? -3.006  -2.690  -3.126  1.00 0.58 ? 7  G   1 N1     1 
ATOM   216 C C2     . G   A 1 7  ? -4.128  -2.092  -3.655  1.00 0.57 ? 7  G   1 C2     1 
ATOM   217 N N2     . G   A 1 7  ? -3.936  -1.195  -4.622  1.00 0.60 ? 7  G   1 N2     1 
ATOM   218 N N3     . G   A 1 7  ? -5.374  -2.362  -3.254  1.00 0.58 ? 7  G   1 N3     1 
ATOM   219 C C4     . G   A 1 7  ? -5.398  -3.292  -2.268  1.00 0.56 ? 7  G   1 C4     1 
ATOM   220 H "H5'"  . G   A 1 7  ? -10.195 -4.882  1.065   1.00 0.71 ? 7  G   1 "H5'"  1 
ATOM   221 H "H5''" . G   A 1 7  ? -10.543 -6.284  0.033   1.00 0.63 ? 7  G   1 "H5''" 1 
ATOM   222 H "H4'"  . G   A 1 7  ? -10.663 -4.118  -1.188  1.00 0.79 ? 7  G   1 "H4'"  1 
ATOM   223 H "H3'"  . G   A 1 7  ? -8.578  -6.178  -2.037  1.00 0.48 ? 7  G   1 "H3'"  1 
ATOM   224 H "H2'"  . G   A 1 7  ? -7.770  -4.645  -3.703  1.00 0.53 ? 7  G   1 "H2'"  1 
ATOM   225 H "HO2'" . G   A 1 7  ? -9.936  -2.886  -3.163  1.00 1.15 ? 7  G   1 "HO2'" 1 
ATOM   226 H "H1'"  . G   A 1 7  ? -7.935  -2.323  -2.202  1.00 0.77 ? 7  G   1 "H1'"  1 
ATOM   227 H H8     . G   A 1 7  ? -6.736  -5.253  -0.068  1.00 0.56 ? 7  G   1 H8     1 
ATOM   228 H H1     . G   A 1 7  ? -2.107  -2.418  -3.496  1.00 0.62 ? 7  G   1 H1     1 
ATOM   229 H H21    . G   A 1 7  ? -3.005  -1.030  -4.980  1.00 0.60 ? 7  G   1 H21    1 
ATOM   230 H H22    . G   A 1 7  ? -4.720  -0.682  -4.998  1.00 0.62 ? 7  G   1 H22    1 
ATOM   231 P P      . U   A 1 8  ? -10.270 -6.741  -4.221  1.00 0.64 ? 8  U   1 P      1 
ATOM   232 O OP1    . U   A 1 8  ? -11.625 -6.951  -4.780  1.00 0.80 ? 8  U   1 OP1    1 
ATOM   233 O OP2    . U   A 1 8  ? -9.467  -7.903  -3.781  1.00 0.52 ? 8  U   1 OP2    1 
ATOM   234 O "O5'"  . U   A 1 8  ? -9.407  -5.907  -5.293  1.00 0.64 ? 8  U   1 "O5'"  1 
ATOM   235 C "C5'"  . U   A 1 8  ? -9.944  -4.730  -5.902  1.00 0.78 ? 8  U   1 "C5'"  1 
ATOM   236 C "C4'"  . U   A 1 8  ? -8.991  -4.150  -6.941  1.00 0.74 ? 8  U   1 "C4'"  1 
ATOM   237 O "O4'"  . U   A 1 8  ? -7.897  -3.514  -6.269  1.00 0.64 ? 8  U   1 "O4'"  1 
ATOM   238 C "C3'"  . U   A 1 8  ? -8.334  -5.179  -7.844  1.00 0.67 ? 8  U   1 "C3'"  1 
ATOM   239 O "O3'"  . U   A 1 8  ? -9.127  -5.263  -9.032  1.00 0.85 ? 8  U   1 "O3'"  1 
ATOM   240 C "C2'"  . U   A 1 8  ? -7.021  -4.517  -8.229  1.00 0.56 ? 8  U   1 "C2'"  1 
ATOM   241 O "O2'"  . U   A 1 8  ? -7.217  -3.604  -9.313  1.00 0.68 ? 8  U   1 "O2'"  1 
ATOM   242 C "C1'"  . U   A 1 8  ? -6.657  -3.764  -6.952  1.00 0.52 ? 8  U   1 "C1'"  1 
ATOM   243 N N1     . U   A 1 8  ? -5.783  -4.554  -6.065  1.00 0.37 ? 8  U   1 N1     1 
ATOM   244 C C2     . U   A 1 8  ? -4.438  -4.236  -6.047  1.00 0.33 ? 8  U   1 C2     1 
ATOM   245 O O2     . U   A 1 8  ? -3.965  -3.332  -6.733  1.00 0.36 ? 8  U   1 O2     1 
ATOM   246 N N3     . U   A 1 8  ? -3.648  -4.995  -5.206  1.00 0.36 ? 8  U   1 N3     1 
ATOM   247 C C4     . U   A 1 8  ? -4.080  -6.029  -4.397  1.00 0.36 ? 8  U   1 C4     1 
ATOM   248 O O4     . U   A 1 8  ? -3.278  -6.633  -3.689  1.00 0.48 ? 8  U   1 O4     1 
ATOM   249 C C5     . U   A 1 8  ? -5.498  -6.301  -4.472  1.00 0.30 ? 8  U   1 C5     1 
ATOM   250 C C6     . U   A 1 8  ? -6.290  -5.566  -5.292  1.00 0.36 ? 8  U   1 C6     1 
ATOM   251 H "H5'"  . U   A 1 8  ? -10.128 -3.983  -5.130  1.00 0.85 ? 8  U   1 "H5'"  1 
ATOM   252 H "H5''" . U   A 1 8  ? -10.889 -4.981  -6.386  1.00 0.89 ? 8  U   1 "H5''" 1 
ATOM   253 H "H4'"  . U   A 1 8  ? -9.524  -3.405  -7.531  1.00 0.87 ? 8  U   1 "H4'"  1 
ATOM   254 H "H3'"  . U   A 1 8  ? -8.206  -6.152  -7.371  1.00 0.61 ? 8  U   1 "H3'"  1 
ATOM   255 H "H2'"  . U   A 1 8  ? -6.264  -5.263  -8.474  1.00 0.49 ? 8  U   1 "H2'"  1 
ATOM   256 H "HO2'" . U   A 1 8  ? -6.364  -3.217  -9.519  1.00 1.18 ? 8  U   1 "HO2'" 1 
ATOM   257 H "H1'"  . U   A 1 8  ? -6.174  -2.814  -7.183  1.00 0.57 ? 8  U   1 "H1'"  1 
ATOM   258 H H3     . U   A 1 8  ? -2.663  -4.776  -5.181  1.00 0.46 ? 8  U   1 H3     1 
ATOM   259 H H5     . U   A 1 8  ? -5.932  -7.099  -3.870  1.00 0.31 ? 8  U   1 H5     1 
ATOM   260 H H6     . U   A 1 8  ? -7.357  -5.785  -5.337  1.00 0.46 ? 8  U   1 H6     1 
ATOM   261 P P      . C   A 1 9  ? -9.009  -6.541  -10.004 1.00 0.93 ? 9  C   1 P      1 
ATOM   262 O OP1    . C   A 1 9  ? -10.057 -6.430  -11.043 1.00 1.14 ? 9  C   1 OP1    1 
ATOM   263 O OP2    . C   A 1 9  ? -8.929  -7.757  -9.163  1.00 0.84 ? 9  C   1 OP2    1 
ATOM   264 O "O5'"  . C   A 1 9  ? -7.577  -6.318  -10.706 1.00 0.90 ? 9  C   1 "O5'"  1 
ATOM   265 C "C5'"  . C   A 1 9  ? -7.361  -5.205  -11.576 1.00 1.01 ? 9  C   1 "C5'"  1 
ATOM   266 C "C4'"  . C   A 1 9  ? -5.927  -5.168  -12.094 1.00 0.96 ? 9  C   1 "C4'"  1 
ATOM   267 O "O4'"  . C   A 1 9  ? -5.061  -4.722  -11.046 1.00 0.76 ? 9  C   1 "O4'"  1 
ATOM   268 C "C3'"  . C   A 1 9  ? -5.365  -6.519  -12.501 1.00 1.02 ? 9  C   1 "C3'"  1 
ATOM   269 O "O3'"  . C   A 1 9  ? -5.572  -6.653  -13.910 1.00 1.26 ? 9  C   1 "O3'"  1 
ATOM   270 C "C2'"  . C   A 1 9  ? -3.870  -6.355  -12.284 1.00 0.91 ? 9  C   1 "C2'"  1 
ATOM   271 O "O2'"  . C   A 1 9  ? -3.268  -5.700  -13.403 1.00 1.01 ? 9  C   1 "O2'"  1 
ATOM   272 C "C1'"  . C   A 1 9  ? -3.825  -5.456  -11.049 1.00 0.69 ? 9  C   1 "C1'"  1 
ATOM   273 N N1     . C   A 1 9  ? -3.734  -6.230  -9.797  1.00 0.56 ? 9  C   1 N1     1 
ATOM   274 C C2     . C   A 1 9  ? -2.508  -6.261  -9.151  1.00 0.51 ? 9  C   1 C2     1 
ATOM   275 O O2     . C   A 1 9  ? -1.546  -5.659  -9.622  1.00 0.54 ? 9  C   1 O2     1 
ATOM   276 N N3     . C   A 1 9  ? -2.398  -6.969  -7.993  1.00 0.51 ? 9  C   1 N3     1 
ATOM   277 C C4     . C   A 1 9  ? -3.454  -7.622  -7.488  1.00 0.53 ? 9  C   1 C4     1 
ATOM   278 N N4     . C   A 1 9  ? -3.284  -8.298  -6.352  1.00 0.62 ? 9  C   1 N4     1 
ATOM   279 C C5     . C   A 1 9  ? -4.722  -7.593  -8.150  1.00 0.53 ? 9  C   1 C5     1 
ATOM   280 C C6     . C   A 1 9  ? -4.816  -6.890  -9.294  1.00 0.56 ? 9  C   1 C6     1 
ATOM   281 H "H5'"  . C   A 1 9  ? -7.567  -4.283  -11.033 1.00 1.01 ? 9  C   1 "H5'"  1 
ATOM   282 H "H5''" . C   A 1 9  ? -8.044  -5.278  -12.424 1.00 1.18 ? 9  C   1 "H5''" 1 
ATOM   283 H "H4'"  . C   A 1 9  ? -5.871  -4.463  -12.924 1.00 1.08 ? 9  C   1 "H4'"  1 
ATOM   284 H "H3'"  . C   A 1 9  ? -5.794  -7.353  -11.946 1.00 1.01 ? 9  C   1 "H3'"  1 
ATOM   285 H "H2'"  . C   A 1 9  ? -3.395  -7.315  -12.086 1.00 0.94 ? 9  C   1 "H2'"  1 
ATOM   286 H "HO2'" . C   A 1 9  ? -2.467  -5.273  -13.088 1.00 1.30 ? 9  C   1 "HO2'" 1 
ATOM   287 H "H1'"  . C   A 1 9  ? -2.990  -4.758  -11.105 1.00 0.66 ? 9  C   1 "H1'"  1 
ATOM   288 H H41    . C   A 1 9  ? -2.383  -8.300  -5.895  1.00 0.67 ? 9  C   1 H41    1 
ATOM   289 H H42    . C   A 1 9  ? -4.057  -8.806  -5.946  1.00 0.68 ? 9  C   1 H42    1 
ATOM   290 H H5     . C   A 1 9  ? -5.587  -8.119  -7.749  1.00 0.57 ? 9  C   1 H5     1 
ATOM   291 H H6     . C   A 1 9  ? -5.768  -6.847  -9.824  1.00 0.65 ? 9  C   1 H6     1 
ATOM   292 P P      . C   A 1 10 ? -5.527  -8.103  -14.608 1.00 1.48 ? 10 C   1 P      1 
ATOM   293 O OP1    . C   A 1 10 ? -5.831  -7.935  -16.046 1.00 1.75 ? 10 C   1 OP1    1 
ATOM   294 O OP2    . C   A 1 10 ? -6.333  -9.037  -13.788 1.00 1.42 ? 10 C   1 OP2    1 
ATOM   295 O "O5'"  . C   A 1 10 ? -3.978  -8.515  -14.465 1.00 1.49 ? 10 C   1 "O5'"  1 
ATOM   296 C "C5'"  . C   A 1 10 ? -2.973  -7.831  -15.216 1.00 1.58 ? 10 C   1 "C5'"  1 
ATOM   297 C "C4'"  . C   A 1 10 ? -1.570  -8.261  -14.798 1.00 1.57 ? 10 C   1 "C4'"  1 
ATOM   298 O "O4'"  . C   A 1 10 ? -1.316  -7.801  -13.467 1.00 1.34 ? 10 C   1 "O4'"  1 
ATOM   299 C "C3'"  . C   A 1 10 ? -1.361  -9.766  -14.727 1.00 1.73 ? 10 C   1 "C3'"  1 
ATOM   300 O "O3'"  . C   A 1 10 ? -0.974  -10.282 -16.003 1.00 1.98 ? 10 C   1 "O3'"  1 
ATOM   301 C "C2'"  . C   A 1 10 ? -0.210  -9.869  -13.736 1.00 1.66 ? 10 C   1 "C2'"  1 
ATOM   302 O "O2'"  . C   A 1 10 ? 1.035   -9.589  -14.382 1.00 1.78 ? 10 C   1 "O2'"  1 
ATOM   303 C "C1'"  . C   A 1 10 ? -0.553  -8.769  -12.735 1.00 1.39 ? 10 C   1 "C1'"  1 
ATOM   304 N N1     . C   A 1 10 ? -1.373  -9.267  -11.614 1.00 1.29 ? 10 C   1 N1     1 
ATOM   305 C C2     . C   A 1 10 ? -0.726  -9.547  -10.421 1.00 1.26 ? 10 C   1 C2     1 
ATOM   306 O O2     . C   A 1 10 ? 0.487   -9.380  -10.322 1.00 1.32 ? 10 C   1 O2     1 
ATOM   307 N N3     . C   A 1 10 ? -1.462  -10.008 -9.372  1.00 1.22 ? 10 C   1 N3     1 
ATOM   308 C C4     . C   A 1 10 ? -2.785  -10.187 -9.490  1.00 1.17 ? 10 C   1 C4     1 
ATOM   309 N N4     . C   A 1 10 ? -3.451  -10.640 -8.429  1.00 1.15 ? 10 C   1 N4     1 
ATOM   310 C C5     . C   A 1 10 ? -3.458  -9.900  -10.720 1.00 1.20 ? 10 C   1 C5     1 
ATOM   311 C C6     . C   A 1 10 ? -2.719  -9.444  -11.749 1.00 1.27 ? 10 C   1 C6     1 
ATOM   312 H "H5'"  . C   A 1 10 ? -3.078  -6.758  -15.056 1.00 1.49 ? 10 C   1 "H5'"  1 
ATOM   313 H "H5''" . C   A 1 10 ? -3.110  -8.049  -16.275 1.00 1.79 ? 10 C   1 "H5''" 1 
ATOM   314 H "H4'"  . C   A 1 10 ? -0.846  -7.806  -15.475 1.00 1.64 ? 10 C   1 "H4'"  1 
ATOM   315 H "H3'"  . C   A 1 10 ? -2.251  -10.270 -14.348 1.00 1.71 ? 10 C   1 "H3'"  1 
ATOM   316 H "HO3'" . C   A 1 10 ? -1.238  -11.205 -16.030 1.00 2.11 ? 10 C   1 "HO3'" 1 
ATOM   317 H "H2'"  . C   A 1 10 ? -0.193  -10.847 -13.255 1.00 1.73 ? 10 C   1 "H2'"  1 
ATOM   318 H "HO2'" . C   A 1 10 ? 1.307   -10.390 -14.837 1.00 2.17 ? 10 C   1 "HO2'" 1 
ATOM   319 H "H1'"  . C   A 1 10 ? 0.349   -8.301  -12.343 1.00 1.32 ? 10 C   1 "H1'"  1 
ATOM   320 H H41    . C   A 1 10 ? -2.965  -10.796 -7.557  1.00 1.17 ? 10 C   1 H41    1 
ATOM   321 H H42    . C   A 1 10 ? -4.440  -10.828 -8.495  1.00 1.14 ? 10 C   1 H42    1 
ATOM   322 H H5     . C   A 1 10 ? -4.533  -10.041 -10.828 1.00 1.20 ? 10 C   1 H5     1 
ATOM   323 H H6     . C   A 1 10 ? -3.201  -9.216  -12.699 1.00 1.34 ? 10 C   1 H6     1 
ATOM   324 O "O5'"  . G   B 1 1  ? 2.181   -13.366 -0.662  1.00 2.91 ? 11 G   2 "O5'"  1 
ATOM   325 C "C5'"  . G   B 1 1  ? 3.532   -13.834 -0.648  1.00 3.07 ? 11 G   2 "C5'"  1 
ATOM   326 C "C4'"  . G   B 1 1  ? 4.229   -13.572 -1.979  1.00 2.80 ? 11 G   2 "C4'"  1 
ATOM   327 O "O4'"  . G   B 1 1  ? 3.446   -14.133 -3.039  1.00 2.74 ? 11 G   2 "O4'"  1 
ATOM   328 C "C3'"  . G   B 1 1  ? 4.365   -12.104 -2.347  1.00 2.40 ? 11 G   2 "C3'"  1 
ATOM   329 O "O3'"  . G   B 1 1  ? 5.658   -11.678 -1.906  1.00 2.46 ? 11 G   2 "O3'"  1 
ATOM   330 C "C2'"  . G   B 1 1  ? 4.395   -12.125 -3.866  1.00 2.16 ? 11 G   2 "C2'"  1 
ATOM   331 O "O2'"  . G   B 1 1  ? 5.711   -12.426 -4.338  1.00 2.27 ? 11 G   2 "O2'"  1 
ATOM   332 C "C1'"  . G   B 1 1  ? 3.435   -13.269 -4.187  1.00 2.36 ? 11 G   2 "C1'"  1 
ATOM   333 N N9     . G   B 1 1  ? 2.055   -12.797 -4.407  1.00 2.12 ? 11 G   2 N9     1 
ATOM   334 C C8     . G   B 1 1  ? 0.960   -12.945 -3.595  1.00 2.10 ? 11 G   2 C8     1 
ATOM   335 N N7     . G   B 1 1  ? -0.126  -12.410 -4.077  1.00 1.85 ? 11 G   2 N7     1 
ATOM   336 C C5     . G   B 1 1  ? 0.276   -11.867 -5.292  1.00 1.70 ? 11 G   2 C5     1 
ATOM   337 C C6     . G   B 1 1  ? -0.477  -11.156 -6.266  1.00 1.44 ? 11 G   2 C6     1 
ATOM   338 O O6     . G   B 1 1  ? -1.670  -10.862 -6.242  1.00 1.27 ? 11 G   2 O6     1 
ATOM   339 N N1     . G   B 1 1  ? 0.308   -10.784 -7.346  1.00 1.41 ? 11 G   2 N1     1 
ATOM   340 C C2     . G   B 1 1  ? 1.650   -11.060 -7.480  1.00 1.60 ? 11 G   2 C2     1 
ATOM   341 N N2     . G   B 1 1  ? 2.249   -10.625 -8.588  1.00 1.58 ? 11 G   2 N2     1 
ATOM   342 N N3     . G   B 1 1  ? 2.367   -11.727 -6.570  1.00 1.82 ? 11 G   2 N3     1 
ATOM   343 C C4     . G   B 1 1  ? 1.614   -12.099 -5.505  1.00 1.86 ? 11 G   2 C4     1 
ATOM   344 H "H5'"  . G   B 1 1  ? 3.536   -14.905 -0.450  1.00 3.33 ? 11 G   2 "H5'"  1 
ATOM   345 H "H5''" . G   B 1 1  ? 4.077   -13.323 0.146   1.00 3.17 ? 11 G   2 "H5''" 1 
ATOM   346 H "H4'"  . G   B 1 1  ? 5.206   -14.055 -1.966  1.00 2.98 ? 11 G   2 "H4'"  1 
ATOM   347 H "H3'"  . G   B 1 1  ? 3.571   -11.479 -1.937  1.00 2.30 ? 11 G   2 "H3'"  1 
ATOM   348 H "H2'"  . G   B 1 1  ? 4.034   -11.183 -4.278  1.00 1.85 ? 11 G   2 "H2'"  1 
ATOM   349 H "HO2'" . G   B 1 1  ? 5.729   -12.231 -5.278  1.00 2.37 ? 11 G   2 "HO2'" 1 
ATOM   350 H "H1'"  . G   B 1 1  ? 3.769   -13.826 -5.062  1.00 2.47 ? 11 G   2 "H1'"  1 
ATOM   351 H H8     . G   B 1 1  ? 0.995   -13.464 -2.637  1.00 2.30 ? 11 G   2 H8     1 
ATOM   352 H H1     . G   B 1 1  ? -0.146  -10.272 -8.090  1.00 1.28 ? 11 G   2 H1     1 
ATOM   353 H H21    . G   B 1 1  ? 1.713   -10.147 -9.298  1.00 1.47 ? 11 G   2 H21    1 
ATOM   354 H H22    . G   B 1 1  ? 3.240   -10.774 -8.718  1.00 1.69 ? 11 G   2 H22    1 
ATOM   355 H "HO5'" . G   B 1 1  ? 2.192   -12.449 -0.381  1.00 2.90 ? 11 G   2 "HO5'" 1 
ATOM   356 P P      . G   B 1 2  ? 5.889   -10.172 -1.387  1.00 2.33 ? 12 G   2 P      1 
ATOM   357 O OP1    . G   B 1 2  ? 7.185   -10.121 -0.675  1.00 2.55 ? 12 G   2 OP1    1 
ATOM   358 O OP2    . G   B 1 2  ? 4.654   -9.722  -0.707  1.00 2.35 ? 12 G   2 OP2    1 
ATOM   359 O "O5'"  . G   B 1 2  ? 6.036   -9.345  -2.761  1.00 1.97 ? 12 G   2 "O5'"  1 
ATOM   360 C "C5'"  . G   B 1 2  ? 7.135   -9.593  -3.643  1.00 2.01 ? 12 G   2 "C5'"  1 
ATOM   361 C "C4'"  . G   B 1 2  ? 6.957   -8.875  -4.976  1.00 1.79 ? 12 G   2 "C4'"  1 
ATOM   362 O "O4'"  . G   B 1 2  ? 5.931   -9.530  -5.730  1.00 1.66 ? 12 G   2 "O4'"  1 
ATOM   363 C "C3'"  . G   B 1 2  ? 6.482   -7.436  -4.864  1.00 1.60 ? 12 G   2 "C3'"  1 
ATOM   364 O "O3'"  . G   B 1 2  ? 7.646   -6.606  -4.892  1.00 1.69 ? 12 G   2 "O3'"  1 
ATOM   365 C "C2'"  . G   B 1 2  ? 5.740   -7.210  -6.171  1.00 1.37 ? 12 G   2 "C2'"  1 
ATOM   366 O "O2'"  . G   B 1 2  ? 6.656   -6.888  -7.220  1.00 1.40 ? 12 G   2 "O2'"  1 
ATOM   367 C "C1'"  . G   B 1 2  ? 5.103   -8.576  -6.416  1.00 1.41 ? 12 G   2 "C1'"  1 
ATOM   368 N N9     . G   B 1 2  ? 3.735   -8.662  -5.870  1.00 1.28 ? 12 G   2 N9     1 
ATOM   369 C C8     . G   B 1 2  ? 3.331   -9.124  -4.644  1.00 1.36 ? 12 G   2 C8     1 
ATOM   370 N N7     . G   B 1 2  ? 2.041   -9.069  -4.462  1.00 1.21 ? 12 G   2 N7     1 
ATOM   371 C C5     . G   B 1 2  ? 1.556   -8.533  -5.650  1.00 1.02 ? 12 G   2 C5     1 
ATOM   372 C C6     . G   B 1 2  ? 0.222   -8.239  -6.039  1.00 0.82 ? 12 G   2 C6     1 
ATOM   373 O O6     . G   B 1 2  ? -0.813  -8.398  -5.396  1.00 0.75 ? 12 G   2 O6     1 
ATOM   374 N N1     . G   B 1 2  ? 0.167   -7.708  -7.319  1.00 0.72 ? 12 G   2 N1     1 
ATOM   375 C C2     . G   B 1 2  ? 1.258   -7.487  -8.129  1.00 0.79 ? 12 G   2 C2     1 
ATOM   376 N N2     . G   B 1 2  ? 1.021   -6.969  -9.334  1.00 0.74 ? 12 G   2 N2     1 
ATOM   377 N N3     . G   B 1 2  ? 2.516   -7.759  -7.773  1.00 0.96 ? 12 G   2 N3     1 
ATOM   378 C C4     . G   B 1 2  ? 2.587   -8.279  -6.522  1.00 1.07 ? 12 G   2 C4     1 
ATOM   379 H "H5'"  . G   B 1 2  ? 7.210   -10.666 -3.824  1.00 2.14 ? 12 G   2 "H5'"  1 
ATOM   380 H "H5''" . G   B 1 2  ? 8.054   -9.246  -3.172  1.00 2.10 ? 12 G   2 "H5''" 1 
ATOM   381 H "H4'"  . G   B 1 2  ? 7.893   -8.926  -5.532  1.00 1.88 ? 12 G   2 "H4'"  1 
ATOM   382 H "H3'"  . G   B 1 2  ? 5.872   -7.249  -3.981  1.00 1.60 ? 12 G   2 "H3'"  1 
ATOM   383 H "H2'"  . G   B 1 2  ? 4.979   -6.437  -6.060  1.00 1.22 ? 12 G   2 "H2'"  1 
ATOM   384 H "HO2'" . G   B 1 2  ? 7.231   -6.190  -6.894  1.00 1.70 ? 12 G   2 "HO2'" 1 
ATOM   385 H "H1'"  . G   B 1 2  ? 5.083   -8.814  -7.480  1.00 1.39 ? 12 G   2 "H1'"  1 
ATOM   386 H H8     . G   B 1 2  ? 4.022   -9.502  -3.892  1.00 1.54 ? 12 G   2 H8     1 
ATOM   387 H H1     . G   B 1 2  ? -0.746  -7.469  -7.679  1.00 0.61 ? 12 G   2 H1     1 
ATOM   388 H H21    . G   B 1 2  ? 0.080   -6.714  -9.598  1.00 0.67 ? 12 G   2 H21    1 
ATOM   389 H H22    . G   B 1 2  ? 1.782   -6.831  -9.983  1.00 0.81 ? 12 G   2 H22    1 
HETATM 390 C C2     . 6MZ B 1 3  ? -0.346  -4.481  -7.044  1.00 0.48 ? 13 6MZ 2 C2     1 
HETATM 391 C C4     . 6MZ B 1 3  ? 1.774   -4.522  -6.473  1.00 0.74 ? 13 6MZ 2 C4     1 
HETATM 392 C C5     . 6MZ B 1 3  ? 1.511   -5.128  -5.278  1.00 0.77 ? 13 6MZ 2 C5     1 
HETATM 393 O O1P    . 6MZ B 1 3  ? 6.914   -5.255  -2.914  1.00 1.74 ? 13 6MZ 2 O1P    1 
HETATM 394 O O2P    . 6MZ B 1 3  ? 9.002   -4.601  -4.247  1.00 1.83 ? 13 6MZ 2 O2P    1 
HETATM 395 N N9     . 6MZ B 1 3  ? 3.136   -4.349  -6.520  1.00 0.89 ? 13 6MZ 2 N9     1 
HETATM 396 N N3     . 6MZ B 1 3  ? 0.883   -4.162  -7.422  1.00 0.59 ? 13 6MZ 2 N3     1 
HETATM 397 N N1     . 6MZ B 1 3  ? -0.749  -5.065  -5.923  1.00 0.48 ? 13 6MZ 2 N1     1 
HETATM 398 C C6     . 6MZ B 1 3  ? 0.164   -5.411  -5.001  1.00 0.63 ? 13 6MZ 2 C6     1 
HETATM 399 N N6     . 6MZ B 1 3  ? -0.251  -5.998  -3.878  1.00 0.65 ? 13 6MZ 2 N6     1 
HETATM 400 C C9     . 6MZ B 1 3  ? 0.652   -6.271  -2.867  1.00 0.79 ? 13 6MZ 2 C9     1 
HETATM 401 N N7     . 6MZ B 1 3  ? 2.685   -5.343  -4.565  1.00 0.95 ? 13 6MZ 2 N7     1 
HETATM 402 C C8     . 6MZ B 1 3  ? 3.615   -4.863  -5.343  1.00 1.02 ? 13 6MZ 2 C8     1 
HETATM 403 O "O5'"  . 6MZ B 1 3  ? 6.713   -4.295  -5.218  1.00 1.47 ? 13 6MZ 2 "O5'"  1 
HETATM 404 C "C5'"  . 6MZ B 1 3  ? 7.265   -3.774  -6.431  1.00 1.33 ? 13 6MZ 2 "C5'"  1 
HETATM 405 C "C4'"  . 6MZ B 1 3  ? 6.179   -3.220  -7.348  1.00 1.16 ? 13 6MZ 2 "C4'"  1 
HETATM 406 O "O4'"  . 6MZ B 1 3  ? 5.226   -4.252  -7.624  1.00 1.07 ? 13 6MZ 2 "O4'"  1 
HETATM 407 C "C1'"  . 6MZ B 1 3  ? 3.887   -3.730  -7.630  1.00 0.92 ? 13 6MZ 2 "C1'"  1 
HETATM 408 C "C2'"  . 6MZ B 1 3  ? 4.021   -2.217  -7.465  1.00 0.93 ? 13 6MZ 2 "C2'"  1 
HETATM 409 O "O2'"  . 6MZ B 1 3  ? 4.076   -1.577  -8.743  1.00 0.89 ? 13 6MZ 2 "O2'"  1 
HETATM 410 C "C3'"  . 6MZ B 1 3  ? 5.355   -2.094  -6.749  1.00 1.10 ? 13 6MZ 2 "C3'"  1 
HETATM 411 O "O3'"  . 6MZ B 1 3  ? 5.950   -0.865  -7.175  1.00 1.14 ? 13 6MZ 2 "O3'"  1 
HETATM 412 P P      . 6MZ B 1 3  ? 7.628   -5.150  -4.207  1.00 1.69 ? 13 6MZ 2 P      1 
HETATM 413 H H2     . 6MZ B 1 3  ? -1.135  -4.226  -7.751  1.00 0.38 ? 13 6MZ 2 H2     1 
HETATM 414 H H8     . 6MZ B 1 3  ? 4.674   -4.873  -5.082  1.00 1.16 ? 13 6MZ 2 H8     1 
HETATM 415 H "H1'"  . 6MZ B 1 3  ? 3.406   -3.980  -8.575  1.00 0.85 ? 13 6MZ 2 "H1'"  1 
HETATM 416 H H9C1   . 6MZ B 1 3  ? 1.668   -6.156  -3.246  1.00 1.26 ? 13 6MZ 2 H9C1   1 
HETATM 417 H H9C2   . 6MZ B 1 3  ? 0.508   -7.292  -2.517  1.00 1.31 ? 13 6MZ 2 H9C2   1 
HETATM 418 H "H5'1" . 6MZ B 1 3  ? 7.798   -4.571  -6.950  1.00 1.33 ? 13 6MZ 2 "H5'1" 1 
HETATM 419 H "H5'2" . 6MZ B 1 3  ? 7.966   -2.976  -6.188  1.00 1.36 ? 13 6MZ 2 "H5'2" 1 
HETATM 420 H "H4'"  . 6MZ B 1 3  ? 6.637   -2.902  -8.285  1.00 1.16 ? 13 6MZ 2 "H4'"  1 
HETATM 421 H "H3'"  . 6MZ B 1 3  ? 5.270   -2.149  -5.663  1.00 1.15 ? 13 6MZ 2 "H3'"  1 
HETATM 422 H "H2'"  . 6MZ B 1 3  ? 3.210   -1.815  -6.857  1.00 0.89 ? 13 6MZ 2 "H2'"  1 
HETATM 423 H HA     . 6MZ B 1 3  ? 3.382   -1.959  -9.285  1.00 1.26 ? 13 6MZ 2 HA     1 
HETATM 424 H H6     . 6MZ B 1 3  ? -1.223  -6.244  -3.767  1.00 0.56 ? 13 6MZ 2 H6     1 
HETATM 425 H H9     . 6MZ B 1 3  ? 0.492   -5.577  -2.041  1.00 1.39 ? 13 6MZ 2 H9     1 
ATOM   426 P P      . C   B 1 4  ? 5.448   0.539   -6.567  1.00 1.18 ? 14 C   2 P      1 
ATOM   427 O OP1    . C   B 1 4  ? 6.153   1.629   -7.277  1.00 1.21 ? 14 C   2 OP1    1 
ATOM   428 O OP2    . C   B 1 4  ? 5.514   0.455   -5.091  1.00 1.25 ? 14 C   2 OP2    1 
ATOM   429 O "O5'"  . C   B 1 4  ? 3.898   0.576   -7.001  1.00 1.08 ? 14 C   2 "O5'"  1 
ATOM   430 C "C5'"  . C   B 1 4  ? 3.518   1.051   -8.295  1.00 0.93 ? 14 C   2 "C5'"  1 
ATOM   431 C "C4'"  . C   B 1 4  ? 2.068   0.702   -8.616  1.00 0.87 ? 14 C   2 "C4'"  1 
ATOM   432 O "O4'"  . C   B 1 4  ? 1.832   -0.673  -8.291  1.00 0.85 ? 14 C   2 "O4'"  1 
ATOM   433 C "C3'"  . C   B 1 4  ? 1.036   1.465   -7.803  1.00 0.86 ? 14 C   2 "C3'"  1 
ATOM   434 O "O3'"  . C   B 1 4  ? 0.641   2.599   -8.581  1.00 0.87 ? 14 C   2 "O3'"  1 
ATOM   435 C "C2'"  . C   B 1 4  ? -0.150  0.516   -7.764  1.00 0.81 ? 14 C   2 "C2'"  1 
ATOM   436 O "O2'"  . C   B 1 4  ? -0.923  0.628   -8.962  1.00 0.78 ? 14 C   2 "O2'"  1 
ATOM   437 C "C1'"  . C   B 1 4  ? 0.536   -0.847  -7.694  1.00 0.80 ? 14 C   2 "C1'"  1 
ATOM   438 N N1     . C   B 1 4  ? 0.716   -1.313  -6.306  1.00 0.81 ? 14 C   2 N1     1 
ATOM   439 C C2     . C   B 1 4  ? -0.368  -1.910  -5.684  1.00 0.68 ? 14 C   2 C2     1 
ATOM   440 O O2     . C   B 1 4  ? -1.432  -2.038  -6.287  1.00 0.58 ? 14 C   2 O2     1 
ATOM   441 N N3     . C   B 1 4  ? -0.227  -2.349  -4.403  1.00 0.69 ? 14 C   2 N3     1 
ATOM   442 C C4     . C   B 1 4  ? 0.937   -2.204  -3.756  1.00 0.82 ? 14 C   2 C4     1 
ATOM   443 N N4     . C   B 1 4  ? 1.015   -2.652  -2.503  1.00 0.83 ? 14 C   2 N4     1 
ATOM   444 C C5     . C   B 1 4  ? 2.060   -1.587  -4.392  1.00 0.96 ? 14 C   2 C5     1 
ATOM   445 C C6     . C   B 1 4  ? 1.907   -1.159  -5.660  1.00 0.95 ? 14 C   2 C6     1 
ATOM   446 H "H5'"  . C   B 1 4  ? 4.166   0.598   -9.045  1.00 0.88 ? 14 C   2 "H5'"  1 
ATOM   447 H "H5''" . C   B 1 4  ? 3.638   2.134   -8.326  1.00 0.94 ? 14 C   2 "H5''" 1 
ATOM   448 H "H4'"  . C   B 1 4  ? 1.898   0.848   -9.683  1.00 0.86 ? 14 C   2 "H4'"  1 
ATOM   449 H "H3'"  . C   B 1 4  ? 1.392   1.755   -6.814  1.00 0.88 ? 14 C   2 "H3'"  1 
ATOM   450 H "H2'"  . C   B 1 4  ? -0.763  0.692   -6.880  1.00 0.81 ? 14 C   2 "H2'"  1 
ATOM   451 H "HO2'" . C   B 1 4  ? -0.317  0.850   -9.673  1.00 1.20 ? 14 C   2 "HO2'" 1 
ATOM   452 H "H1'"  . C   B 1 4  ? -0.023  -1.595  -8.256  1.00 0.77 ? 14 C   2 "H1'"  1 
ATOM   453 H H41    . C   B 1 4  ? 0.229   -3.134  -2.090  1.00 0.74 ? 14 C   2 H41    1 
ATOM   454 H H42    . C   B 1 4  ? 1.858   -2.511  -1.968  1.00 0.94 ? 14 C   2 H42    1 
ATOM   455 H H5     . C   B 1 4  ? 3.013   -1.464  -3.876  1.00 1.08 ? 14 C   2 H5     1 
ATOM   456 H H6     . C   B 1 4  ? 2.744   -0.685  -6.173  1.00 1.06 ? 14 C   2 H6     1 
ATOM   457 P P      . U   B 1 5  ? 1.008   4.090   -8.097  1.00 0.91 ? 15 U   2 P      1 
ATOM   458 O OP1    . U   B 1 5  ? 1.419   4.875   -9.282  1.00 0.96 ? 15 U   2 OP1    1 
ATOM   459 O OP2    . U   B 1 5  ? 1.911   3.989   -6.929  1.00 0.92 ? 15 U   2 OP2    1 
ATOM   460 O "O5'"  . U   B 1 5  ? -0.413  4.652   -7.588  1.00 0.86 ? 15 U   2 "O5'"  1 
ATOM   461 C "C5'"  . U   B 1 5  ? -1.553  4.633   -8.451  1.00 0.88 ? 15 U   2 "C5'"  1 
ATOM   462 C "C4'"  . U   B 1 5  ? -2.854  4.740   -7.664  1.00 0.83 ? 15 U   2 "C4'"  1 
ATOM   463 O "O4'"  . U   B 1 5  ? -3.192  3.451   -7.138  1.00 0.79 ? 15 U   2 "O4'"  1 
ATOM   464 C "C3'"  . U   B 1 5  ? -2.786  5.640   -6.442  1.00 0.79 ? 15 U   2 "C3'"  1 
ATOM   465 O "O3'"  . U   B 1 5  ? -3.251  6.930   -6.845  1.00 0.82 ? 15 U   2 "O3'"  1 
ATOM   466 C "C2'"  . U   B 1 5  ? -3.839  5.053   -5.516  1.00 0.74 ? 15 U   2 "C2'"  1 
ATOM   467 O "O2'"  . U   B 1 5  ? -5.139  5.531   -5.868  1.00 0.76 ? 15 U   2 "O2'"  1 
ATOM   468 C "C1'"  . U   B 1 5  ? -3.719  3.559   -5.806  1.00 0.75 ? 15 U   2 "C1'"  1 
ATOM   469 N N1     . U   B 1 5  ? -2.794  2.880   -4.878  1.00 0.71 ? 15 U   2 N1     1 
ATOM   470 C C2     . U   B 1 5  ? -3.342  2.263   -3.770  1.00 0.67 ? 15 U   2 C2     1 
ATOM   471 O O2     . U   B 1 5  ? -4.550  2.264   -3.544  1.00 0.66 ? 15 U   2 O2     1 
ATOM   472 N N3     . U   B 1 5  ? -2.448  1.638   -2.922  1.00 0.65 ? 15 U   2 N3     1 
ATOM   473 C C4     . U   B 1 5  ? -1.077  1.578   -3.085  1.00 0.67 ? 15 U   2 C4     1 
ATOM   474 O O4     . U   B 1 5  ? -0.384  0.989   -2.258  1.00 0.65 ? 15 U   2 O4     1 
ATOM   475 C C5     . U   B 1 5  ? -0.582  2.247   -4.267  1.00 0.72 ? 15 U   2 C5     1 
ATOM   476 C C6     . U   B 1 5  ? -1.444  2.866   -5.111  1.00 0.75 ? 15 U   2 C6     1 
ATOM   477 H "H5'"  . U   B 1 5  ? -1.554  3.702   -9.017  1.00 0.89 ? 15 U   2 "H5'"  1 
ATOM   478 H "H5''" . U   B 1 5  ? -1.487  5.471   -9.145  1.00 0.93 ? 15 U   2 "H5''" 1 
ATOM   479 H "H4'"  . U   B 1 5  ? -3.647  5.067   -8.336  1.00 0.86 ? 15 U   2 "H4'"  1 
ATOM   480 H "H3'"  . U   B 1 5  ? -1.793  5.687   -5.994  1.00 0.77 ? 15 U   2 "H3'"  1 
ATOM   481 H "H2'"  . U   B 1 5  ? -3.607  5.270   -4.474  1.00 0.71 ? 15 U   2 "H2'"  1 
ATOM   482 H "HO2'" . U   B 1 5  ? -5.315  6.305   -5.329  1.00 1.17 ? 15 U   2 "HO2'" 1 
ATOM   483 H "H1'"  . U   B 1 5  ? -4.694  3.073   -5.762  1.00 0.75 ? 15 U   2 "H1'"  1 
ATOM   484 H H3     . U   B 1 5  ? -2.832  1.181   -2.107  1.00 0.64 ? 15 U   2 H3     1 
ATOM   485 H H5     . U   B 1 5  ? 0.487   2.254   -4.480  1.00 0.76 ? 15 U   2 H5     1 
ATOM   486 H H6     . U   B 1 5  ? -1.053  3.366   -5.997  1.00 0.80 ? 15 U   2 H6     1 
ATOM   487 P P      . A   B 1 6  ? -3.199  8.173   -5.822  1.00 0.79 ? 16 A   2 P      1 
ATOM   488 O OP1    . A   B 1 6  ? -3.612  9.392   -6.553  1.00 0.86 ? 16 A   2 OP1    1 
ATOM   489 O OP2    . A   B 1 6  ? -1.898  8.140   -5.118  1.00 0.75 ? 16 A   2 OP2    1 
ATOM   490 O "O5'"  . A   B 1 6  ? -4.354  7.806   -4.762  1.00 0.73 ? 16 A   2 "O5'"  1 
ATOM   491 C "C5'"  . A   B 1 6  ? -4.070  7.770   -3.361  1.00 0.69 ? 16 A   2 "C5'"  1 
ATOM   492 C "C4'"  . A   B 1 6  ? -5.115  6.966   -2.597  1.00 0.66 ? 16 A   2 "C4'"  1 
ATOM   493 O "O4'"  . A   B 1 6  ? -4.858  5.570   -2.777  1.00 0.67 ? 16 A   2 "O4'"  1 
ATOM   494 C "C3'"  . A   B 1 6  ? -5.092  7.164   -1.091  1.00 0.58 ? 16 A   2 "C3'"  1 
ATOM   495 O "O3'"  . A   B 1 6  ? -6.054  8.177   -0.784  1.00 0.61 ? 16 A   2 "O3'"  1 
ATOM   496 C "C2'"  . A   B 1 6  ? -5.639  5.850   -0.557  1.00 0.57 ? 16 A   2 "C2'"  1 
ATOM   497 O "O2'"  . A   B 1 6  ? -7.069  5.850   -0.594  1.00 0.62 ? 16 A   2 "O2'"  1 
ATOM   498 C "C1'"  . A   B 1 6  ? -5.077  4.842   -1.556  1.00 0.62 ? 16 A   2 "C1'"  1 
ATOM   499 N N9     . A   B 1 6  ? -3.791  4.272   -1.112  1.00 0.58 ? 16 A   2 N9     1 
ATOM   500 C C8     . A   B 1 6  ? -2.529  4.534   -1.580  1.00 0.60 ? 16 A   2 C8     1 
ATOM   501 N N7     . A   B 1 6  ? -1.594  3.859   -0.972  1.00 0.57 ? 16 A   2 N7     1 
ATOM   502 C C5     . A   B 1 6  ? -2.289  3.098   -0.037  1.00 0.55 ? 16 A   2 C5     1 
ATOM   503 C C6     . A   B 1 6  ? -1.874  2.166   0.928   1.00 0.55 ? 16 A   2 C6     1 
ATOM   504 N N6     . A   B 1 6  ? -0.601  1.824   1.123   1.00 0.56 ? 16 A   2 N6     1 
ATOM   505 N N1     . A   B 1 6  ? -2.819  1.594   1.691   1.00 0.54 ? 16 A   2 N1     1 
ATOM   506 C C2     . A   B 1 6  ? -4.090  1.929   1.502   1.00 0.53 ? 16 A   2 C2     1 
ATOM   507 N N3     . A   B 1 6  ? -4.606  2.787   0.635   1.00 0.53 ? 16 A   2 N3     1 
ATOM   508 C C4     . A   B 1 6  ? -3.630  3.342   -0.114  1.00 0.55 ? 16 A   2 C4     1 
ATOM   509 H "H5'"  . A   B 1 6  ? -4.053  8.791   -2.976  1.00 0.72 ? 16 A   2 "H5'"  1 
ATOM   510 H "H5''" . A   B 1 6  ? -3.090  7.317   -3.208  1.00 0.72 ? 16 A   2 "H5''" 1 
ATOM   511 H "H4'"  . A   B 1 6  ? -6.102  7.199   -2.997  1.00 0.71 ? 16 A   2 "H4'"  1 
ATOM   512 H "H3'"  . A   B 1 6  ? -4.105  7.412   -0.701  1.00 0.54 ? 16 A   2 "H3'"  1 
ATOM   513 H "H2'"  . A   B 1 6  ? -5.271  5.653   0.449   1.00 0.53 ? 16 A   2 "H2'"  1 
ATOM   514 H "HO2'" . A   B 1 6  ? -7.379  5.761   0.310   1.00 1.06 ? 16 A   2 "HO2'" 1 
ATOM   515 H "H1'"  . A   B 1 6  ? -5.786  4.035   -1.739  1.00 0.65 ? 16 A   2 "H1'"  1 
ATOM   516 H H8     . A   B 1 6  ? -2.326  5.240   -2.385  1.00 0.63 ? 16 A   2 H8     1 
ATOM   517 H H61    . A   B 1 6  ? -0.369  1.097   1.785   1.00 0.58 ? 16 A   2 H61    1 
ATOM   518 H H62    . A   B 1 6  ? 0.132   2.292   0.609   1.00 0.57 ? 16 A   2 H62    1 
ATOM   519 H H2     . A   B 1 6  ? -4.809  1.430   2.154   1.00 0.52 ? 16 A   2 H2     1 
ATOM   520 P P      . G   B 1 7  ? -5.770  9.248   0.384   1.00 0.57 ? 17 G   2 P      1 
ATOM   521 O OP1    . G   B 1 7  ? -6.856  10.254  0.364   1.00 0.67 ? 17 G   2 OP1    1 
ATOM   522 O OP2    . G   B 1 7  ? -4.359  9.682   0.280   1.00 0.55 ? 17 G   2 OP2    1 
ATOM   523 O "O5'"  . G   B 1 7  ? -5.927  8.363   1.719   1.00 0.49 ? 17 G   2 "O5'"  1 
ATOM   524 C "C5'"  . G   B 1 7  ? -7.217  7.919   2.148   1.00 0.60 ? 17 G   2 "C5'"  1 
ATOM   525 C "C4'"  . G   B 1 7  ? -7.111  6.843   3.224   1.00 0.55 ? 17 G   2 "C4'"  1 
ATOM   526 O "O4'"  . G   B 1 7  ? -6.470  5.688   2.671   1.00 0.53 ? 17 G   2 "O4'"  1 
ATOM   527 C "C3'"  . G   B 1 7  ? -6.250  7.220   4.416   1.00 0.48 ? 17 G   2 "C3'"  1 
ATOM   528 O "O3'"  . G   B 1 7  ? -7.126  7.741   5.420   1.00 0.59 ? 17 G   2 "O3'"  1 
ATOM   529 C "C2'"  . G   B 1 7  ? -5.741  5.879   4.919   1.00 0.45 ? 17 G   2 "C2'"  1 
ATOM   530 O "O2'"  . G   B 1 7  ? -6.720  5.251   5.750   1.00 0.54 ? 17 G   2 "O2'"  1 
ATOM   531 C "C1'"  . G   B 1 7  ? -5.563  5.099   3.617   1.00 0.46 ? 17 G   2 "C1'"  1 
ATOM   532 N N9     . G   B 1 7  ? -4.191  5.209   3.083   1.00 0.41 ? 17 G   2 N9     1 
ATOM   533 C C8     . G   B 1 7  ? -3.707  6.075   2.138   1.00 0.40 ? 17 G   2 C8     1 
ATOM   534 N N7     . G   B 1 7  ? -2.439  5.917   1.881   1.00 0.39 ? 17 G   2 N7     1 
ATOM   535 C C5     . G   B 1 7  ? -2.054  4.873   2.714   1.00 0.39 ? 17 G   2 C5     1 
ATOM   536 C C6     . G   B 1 7  ? -0.784  4.257   2.876   1.00 0.42 ? 17 G   2 C6     1 
ATOM   537 O O6     . G   B 1 7  ? 0.270   4.520   2.302   1.00 0.46 ? 17 G   2 O6     1 
ATOM   538 N N1     . G   B 1 7  ? -0.825  3.241   3.819   1.00 0.43 ? 17 G   2 N1     1 
ATOM   539 C C2     . G   B 1 7  ? -1.946  2.860   4.521   1.00 0.42 ? 17 G   2 C2     1 
ATOM   540 N N2     . G   B 1 7  ? -1.804  1.860   5.391   1.00 0.45 ? 17 G   2 N2     1 
ATOM   541 N N3     . G   B 1 7  ? -3.145  3.433   4.377   1.00 0.41 ? 17 G   2 N3     1 
ATOM   542 C C4     . G   B 1 7  ? -3.123  4.429   3.458   1.00 0.39 ? 17 G   2 C4     1 
ATOM   543 H "H5'"  . G   B 1 7  ? -7.757  7.514   1.292   1.00 0.69 ? 17 G   2 "H5'"  1 
ATOM   544 H "H5''" . G   B 1 7  ? -7.771  8.768   2.548   1.00 0.68 ? 17 G   2 "H5''" 1 
ATOM   545 H "H4'"  . G   B 1 7  ? -8.116  6.569   3.548   1.00 0.62 ? 17 G   2 "H4'"  1 
ATOM   546 H "H3'"  . G   B 1 7  ? -5.452  7.921   4.171   1.00 0.44 ? 17 G   2 "H3'"  1 
ATOM   547 H "H2'"  . G   B 1 7  ? -4.792  5.991   5.442   1.00 0.40 ? 17 G   2 "H2'"  1 
ATOM   548 H "HO2'" . G   B 1 7  ? -7.477  5.045   5.195   1.00 0.93 ? 17 G   2 "HO2'" 1 
ATOM   549 H "H1'"  . G   B 1 7  ? -5.814  4.048   3.754   1.00 0.52 ? 17 G   2 "H1'"  1 
ATOM   550 H H8     . G   B 1 7  ? -4.326  6.827   1.646   1.00 0.42 ? 17 G   2 H8     1 
ATOM   551 H H1     . G   B 1 7  ? 0.037   2.747   3.999   1.00 0.47 ? 17 G   2 H1     1 
ATOM   552 H H21    . G   B 1 7  ? -0.892  1.456   5.551   1.00 0.47 ? 17 G   2 H21    1 
ATOM   553 H H22    . G   B 1 7  ? -2.608  1.507   5.891   1.00 0.47 ? 17 G   2 H22    1 
ATOM   554 P P      . U   B 1 8  ? -6.544  8.629   6.631   1.00 0.65 ? 18 U   2 P      1 
ATOM   555 O OP1    . U   B 1 8  ? -7.680  9.054   7.480   1.00 0.81 ? 18 U   2 OP1    1 
ATOM   556 O OP2    . U   B 1 8  ? -5.625  9.640   6.064   1.00 0.62 ? 18 U   2 OP2    1 
ATOM   557 O "O5'"  . U   B 1 8  ? -5.668  7.561   7.460   1.00 0.59 ? 18 U   2 "O5'"  1 
ATOM   558 C "C5'"  . U   B 1 8  ? -6.298  6.453   8.108   1.00 0.66 ? 18 U   2 "C5'"  1 
ATOM   559 C "C4'"  . U   B 1 8  ? -5.287  5.595   8.862   1.00 0.63 ? 18 U   2 "C4'"  1 
ATOM   560 O "O4'"  . U   B 1 8  ? -4.553  4.801   7.922   1.00 0.53 ? 18 U   2 "O4'"  1 
ATOM   561 C "C3'"  . U   B 1 8  ? -4.220  6.379   9.608   1.00 0.65 ? 18 U   2 "C3'"  1 
ATOM   562 O "O3'"  . U   B 1 8  ? -4.674  6.528   10.956  1.00 0.79 ? 18 U   2 "O3'"  1 
ATOM   563 C "C2'"  . U   B 1 8  ? -3.040  5.423   9.638   1.00 0.60 ? 18 U   2 "C2'"  1 
ATOM   564 O "O2'"  . U   B 1 8  ? -3.181  4.482   10.706  1.00 0.70 ? 18 U   2 "O2'"  1 
ATOM   565 C "C1'"  . U   B 1 8  ? -3.165  4.721   8.286   1.00 0.50 ? 18 U   2 "C1'"  1 
ATOM   566 N N1     . U   B 1 8  ? -2.364  5.381   7.237   1.00 0.40 ? 18 U   2 N1     1 
ATOM   567 C C2     . U   B 1 8  ? -1.163  4.792   6.888   1.00 0.38 ? 18 U   2 C2     1 
ATOM   568 O O2     . U   B 1 8  ? -0.755  3.761   7.417   1.00 0.44 ? 18 U   2 O2     1 
ATOM   569 N N3     . U   B 1 8  ? -0.440  5.436   5.904   1.00 0.34 ? 18 U   2 N3     1 
ATOM   570 C C4     . U   B 1 8  ? -0.808  6.596   5.248   1.00 0.31 ? 18 U   2 C4     1 
ATOM   571 O O4     . U   B 1 8  ? -0.075  7.075   4.385   1.00 0.34 ? 18 U   2 O4     1 
ATOM   572 C C5     . U   B 1 8  ? -2.075  7.149   5.669   1.00 0.33 ? 18 U   2 C5     1 
ATOM   573 C C6     . U   B 1 8  ? -2.800  6.532   6.635   1.00 0.37 ? 18 U   2 C6     1 
ATOM   574 H "H5'"  . U   B 1 8  ? -6.798  5.839   7.360   1.00 0.66 ? 18 U   2 "H5'"  1 
ATOM   575 H "H5''" . U   B 1 8  ? -7.040  6.828   8.814   1.00 0.77 ? 18 U   2 "H5''" 1 
ATOM   576 H "H4'"  . U   B 1 8  ? -5.822  4.934   9.542   1.00 0.70 ? 18 U   2 "H4'"  1 
ATOM   577 H "H3'"  . U   B 1 8  ? -3.987  7.339   9.149   1.00 0.63 ? 18 U   2 "H3'"  1 
ATOM   578 H "H2'"  . U   B 1 8  ? -2.098  5.965   9.711   1.00 0.59 ? 18 U   2 "H2'"  1 
ATOM   579 H "HO2'" . U   B 1 8  ? -4.105  4.485   10.968  1.00 1.19 ? 18 U   2 "HO2'" 1 
ATOM   580 H "H1'"  . U   B 1 8  ? -2.871  3.674   8.360   1.00 0.53 ? 18 U   2 "H1'"  1 
ATOM   581 H H3     . U   B 1 8  ? 0.441   5.020   5.637   1.00 0.37 ? 18 U   2 H3     1 
ATOM   582 H H5     . U   B 1 8  ? -2.449  8.064   5.209   1.00 0.36 ? 18 U   2 H5     1 
ATOM   583 H H6     . U   B 1 8  ? -3.755  6.962   6.940   1.00 0.44 ? 18 U   2 H6     1 
ATOM   584 P P      . C   B 1 9  ? -4.103  7.712   11.885  1.00 0.95 ? 19 C   2 P      1 
ATOM   585 O OP1    . C   B 1 9  ? -4.905  7.754   13.128  1.00 1.12 ? 19 C   2 OP1    1 
ATOM   586 O OP2    . C   B 1 9  ? -3.967  8.928   11.053  1.00 0.95 ? 19 C   2 OP2    1 
ATOM   587 O "O5'"  . C   B 1 9  ? -2.627  7.188   12.254  1.00 0.96 ? 19 C   2 "O5'"  1 
ATOM   588 C "C5'"  . C   B 1 9  ? -2.452  5.997   13.027  1.00 1.00 ? 19 C   2 "C5'"  1 
ATOM   589 C "C4'"  . C   B 1 9  ? -0.984  5.588   13.102  1.00 0.99 ? 19 C   2 "C4'"  1 
ATOM   590 O "O4'"  . C   B 1 9  ? -0.577  5.065   11.833  1.00 0.86 ? 19 C   2 "O4'"  1 
ATOM   591 C "C3'"  . C   B 1 9  ? -0.019  6.731   13.367  1.00 1.07 ? 19 C   2 "C3'"  1 
ATOM   592 O "O3'"  . C   B 1 9  ? 0.210   6.768   14.779  1.00 1.24 ? 19 C   2 "O3'"  1 
ATOM   593 C "C2'"  . C   B 1 9  ? 1.271   6.258   12.718  1.00 1.02 ? 19 C   2 "C2'"  1 
ATOM   594 O "O2'"  . C   B 1 9  ? 1.980   5.377   13.593  1.00 1.12 ? 19 C   2 "O2'"  1 
ATOM   595 C "C1'"  . C   B 1 9  ? 0.752   5.498   11.497  1.00 0.85 ? 19 C   2 "C1'"  1 
ATOM   596 N N1     . C   B 1 9  ? 0.680   6.352   10.297  1.00 0.75 ? 19 C   2 N1     1 
ATOM   597 C C2     . C   B 1 9  ? 1.648   6.170   9.322   1.00 0.70 ? 19 C   2 C2     1 
ATOM   598 O O2     . C   B 1 9  ? 2.525   5.323   9.474   1.00 0.77 ? 19 C   2 O2     1 
ATOM   599 N N3     . C   B 1 9  ? 1.603   6.946   8.204   1.00 0.63 ? 19 C   2 N3     1 
ATOM   600 C C4     . C   B 1 9  ? 0.640   7.867   8.049   1.00 0.62 ? 19 C   2 C4     1 
ATOM   601 N N4     . C   B 1 9  ? 0.649   8.595   6.934   1.00 0.59 ? 19 C   2 N4     1 
ATOM   602 C C5     . C   B 1 9  ? -0.361  8.059   9.052   1.00 0.69 ? 19 C   2 C5     1 
ATOM   603 C C6     . C   B 1 9  ? -0.305  7.285   10.153  1.00 0.75 ? 19 C   2 C6     1 
ATOM   604 H "H5'"  . C   B 1 9  ? -3.022  5.189   12.569  1.00 0.96 ? 19 C   2 "H5'"  1 
ATOM   605 H "H5''" . C   B 1 9  ? -2.825  6.169   14.037  1.00 1.11 ? 19 C   2 "H5''" 1 
ATOM   606 H "H4'"  . C   B 1 9  ? -0.873  4.810   13.858  1.00 1.06 ? 19 C   2 "H4'"  1 
ATOM   607 H "H3'"  . C   B 1 9  ? -0.369  7.690   12.987  1.00 1.07 ? 19 C   2 "H3'"  1 
ATOM   608 H "H2'"  . C   B 1 9  ? 1.891   7.102   12.419  1.00 1.04 ? 19 C   2 "H2'"  1 
ATOM   609 H "HO2'" . C   B 1 9  ? 1.336   4.982   14.184  1.00 1.42 ? 19 C   2 "HO2'" 1 
ATOM   610 H "H1'"  . C   B 1 9  ? 1.374   4.629   11.286  1.00 0.86 ? 19 C   2 "H1'"  1 
ATOM   611 H H41    . C   B 1 9  ? 1.372   8.454   6.243   1.00 0.57 ? 19 C   2 H41    1 
ATOM   612 H H42    . C   B 1 9  ? -0.069  9.289   6.778   1.00 0.64 ? 19 C   2 H42    1 
ATOM   613 H H5     . C   B 1 9  ? -1.148  8.804   8.938   1.00 0.74 ? 19 C   2 H5     1 
ATOM   614 H H6     . C   B 1 9  ? -1.053  7.406   10.937  1.00 0.82 ? 19 C   2 H6     1 
ATOM   615 P P      . C   B 1 10 ? 0.754   8.111   15.482  1.00 1.42 ? 20 C   2 P      1 
ATOM   616 O OP1    . C   B 1 10 ? 0.800   7.881   16.944  1.00 1.58 ? 20 C   2 OP1    1 
ATOM   617 O OP2    . C   B 1 10 ? -0.004  9.259   14.939  1.00 1.42 ? 20 C   2 OP2    1 
ATOM   618 O "O5'"  . C   B 1 10 ? 2.267   8.203   14.939  1.00 1.43 ? 20 C   2 "O5'"  1 
ATOM   619 C "C5'"  . C   B 1 10 ? 3.252   7.261   15.372  1.00 1.48 ? 20 C   2 "C5'"  1 
ATOM   620 C "C4'"  . C   B 1 10 ? 4.574   7.454   14.634  1.00 1.48 ? 20 C   2 "C4'"  1 
ATOM   621 O "O4'"  . C   B 1 10 ? 4.407   7.068   13.266  1.00 1.30 ? 20 C   2 "O4'"  1 
ATOM   622 C "C3'"  . C   B 1 10 ? 5.061   8.893   14.567  1.00 1.58 ? 20 C   2 "C3'"  1 
ATOM   623 O "O3'"  . C   B 1 10 ? 5.834   9.218   15.726  1.00 1.78 ? 20 C   2 "O3'"  1 
ATOM   624 C "C2'"  . C   B 1 10 ? 5.941   8.861   13.327  1.00 1.51 ? 20 C   2 "C2'"  1 
ATOM   625 O "O2'"  . C   B 1 10 ? 7.220   8.299   13.633  1.00 1.62 ? 20 C   2 "O2'"  1 
ATOM   626 C "C1'"  . C   B 1 10 ? 5.156   7.935   12.403  1.00 1.30 ? 20 C   2 "C1'"  1 
ATOM   627 N N1     . C   B 1 10 ? 4.213   8.670   11.539  1.00 1.17 ? 20 C   2 N1     1 
ATOM   628 C C2     . C   B 1 10 ? 4.604   8.925   10.234  1.00 1.09 ? 20 C   2 C2     1 
ATOM   629 O O2     . C   B 1 10 ? 5.700   8.543   9.833   1.00 1.13 ? 20 C   2 O2     1 
ATOM   630 N N3     . C   B 1 10 ? 3.750   9.602   9.418   1.00 0.99 ? 20 C   2 N3     1 
ATOM   631 C C4     . C   B 1 10 ? 2.557   10.014  9.867   1.00 0.99 ? 20 C   2 C4     1 
ATOM   632 N N4     . C   B 1 10 ? 1.765   10.672  9.021   1.00 0.95 ? 20 C   2 N4     1 
ATOM   633 C C5     . C   B 1 10 ? 2.148   9.754   11.213  1.00 1.08 ? 20 C   2 C5     1 
ATOM   634 C C6     . C   B 1 10 ? 3.001   9.084   12.010  1.00 1.16 ? 20 C   2 C6     1 
ATOM   635 H "H5'"  . C   B 1 10 ? 2.885   6.251   15.186  1.00 1.41 ? 20 C   2 "H5'"  1 
ATOM   636 H "H5''" . C   B 1 10 ? 3.421   7.388   16.442  1.00 1.61 ? 20 C   2 "H5''" 1 
ATOM   637 H "H4'"  . C   B 1 10 ? 5.329   6.815   15.093  1.00 1.55 ? 20 C   2 "H4'"  1 
ATOM   638 H "H3'"  . C   B 1 10 ? 4.227   9.584   14.440  1.00 1.57 ? 20 C   2 "H3'"  1 
ATOM   639 H "HO3'" . C   B 1 10 ? 5.226   9.549   16.391  1.00 2.17 ? 20 C   2 "HO3'" 1 
ATOM   640 H "H2'"  . C   B 1 10 ? 6.041   9.856   12.892  1.00 1.53 ? 20 C   2 "H2'"  1 
ATOM   641 H "HO2'" . C   B 1 10 ? 7.835   9.029   13.739  1.00 1.95 ? 20 C   2 "HO2'" 1 
ATOM   642 H "H1'"  . C   B 1 10 ? 5.826   7.339   11.783  1.00 1.27 ? 20 C   2 "H1'"  1 
ATOM   643 H H41    . C   B 1 10 ? 2.050   10.803  8.060   1.00 0.89 ? 20 C   2 H41    1 
ATOM   644 H H42    . C   B 1 10 ? 0.880   11.040  9.339   1.00 1.00 ? 20 C   2 H42    1 
ATOM   645 H H5     . C   B 1 10 ? 1.180   10.084  11.590  1.00 1.12 ? 20 C   2 H5     1 
ATOM   646 H H6     . C   B 1 10 ? 2.721   8.869   13.041  1.00 1.25 ? 20 C   2 H6     1 
# 
